data_9B2N
#
_entry.id   9B2N
#
_cell.length_a   146.360
_cell.length_b   109.080
_cell.length_c   78.740
_cell.angle_alpha   90.00
_cell.angle_beta   115.95
_cell.angle_gamma   90.00
#
_symmetry.space_group_name_H-M   'C 1 2 1'
#
loop_
_entity.id
_entity.type
_entity.pdbx_description
1 polymer 'quorum-quenching N-acyl-homoserine lactonase'
2 non-polymer 'COBALT (II) ION'
3 non-polymer 'SULFATE ION'
4 non-polymer GLYCEROL
5 non-polymer 'ACETATE ION'
6 water water
#
_entity_poly.entity_id   1
_entity_poly.type   'polypeptide(L)'
_entity_poly.pdbx_seq_one_letter_code
;WSHPQFEKENLYFQSMANVIKARPKLYVMDNGRMRMDKNWMIAMHNPATIHNPNAQTEFVEFPIYTVLIDHPEGKILFDT
SCNPNSMGPQGRWAESTQQMFPWTATEECYLHNRLEQLKVRPEDIRYVVASHLHLNHAGCLEMFTNATIIVHEDEFNGAL
QCYARNQKEGAYIWADIDAWIKNNLQWRTVKRHEDNILLAEGVKVLNFGSGHAWGMLGLHVELPETGGIILASDAIYTAE
SYGPPIKPPGIIYDSLGYMNTVERIRRIAQETKSQVWFGHDAEQFKKFRKSTEGYYE
;
_entity_poly.pdbx_strand_id   A,B,C
#
loop_
_chem_comp.id
_chem_comp.type
_chem_comp.name
_chem_comp.formula
ACT non-polymer 'ACETATE ION' 'C2 H3 O2 -1'
CO non-polymer 'COBALT (II) ION' 'Co 2'
GOL non-polymer GLYCEROL 'C3 H8 O3'
SO4 non-polymer 'SULFATE ION' 'O4 S -2'
#
# COMPACT_ATOMS: atom_id res chain seq x y z
N ARG A 23 9.03 7.64 0.99
CA ARG A 23 10.21 8.18 1.73
C ARG A 23 9.74 8.74 3.07
N PRO A 24 10.07 8.07 4.20
CA PRO A 24 9.58 8.48 5.52
C PRO A 24 10.16 9.80 6.01
N LYS A 25 9.43 10.45 6.92
CA LYS A 25 9.91 11.63 7.62
C LYS A 25 9.82 11.38 9.13
N LEU A 26 10.91 11.68 9.85
CA LEU A 26 10.99 11.38 11.27
C LEU A 26 11.07 12.69 12.06
N TYR A 27 10.22 12.81 13.09
CA TYR A 27 10.11 14.02 13.88
C TYR A 27 10.48 13.71 15.34
N VAL A 28 11.28 14.61 15.95
CA VAL A 28 11.58 14.57 17.36
C VAL A 28 10.69 15.58 18.08
N MET A 29 9.88 15.12 19.03
CA MET A 29 8.91 15.95 19.71
C MET A 29 9.34 16.19 21.16
N ASP A 30 9.47 17.47 21.53
CA ASP A 30 9.90 17.88 22.86
C ASP A 30 8.72 17.79 23.81
N ASN A 31 8.84 16.93 24.84
CA ASN A 31 7.72 16.65 25.72
C ASN A 31 8.04 17.12 27.14
N GLY A 32 8.94 18.10 27.25
CA GLY A 32 9.19 18.76 28.53
C GLY A 32 10.46 18.22 29.20
N ARG A 33 10.55 18.41 30.53
CA ARG A 33 11.75 18.11 31.27
C ARG A 33 11.39 17.46 32.61
N MET A 34 12.27 16.56 33.09
CA MET A 34 12.09 15.90 34.37
C MET A 34 13.39 16.03 35.16
N ARG A 35 13.30 16.00 36.49
CA ARG A 35 14.46 16.05 37.36
C ARG A 35 14.43 14.86 38.32
N MET A 36 15.63 14.38 38.70
CA MET A 36 15.74 13.31 39.68
C MET A 36 17.18 13.20 40.18
N ASP A 37 17.35 12.48 41.29
CA ASP A 37 18.68 12.16 41.84
C ASP A 37 19.55 11.59 40.72
N LYS A 38 20.79 12.08 40.65
CA LYS A 38 21.72 11.68 39.59
C LYS A 38 22.12 10.21 39.78
N ASN A 39 21.82 9.64 40.96
CA ASN A 39 22.19 8.26 41.26
C ASN A 39 21.23 7.32 40.53
N TRP A 40 19.99 7.77 40.27
CA TRP A 40 19.06 7.02 39.45
C TRP A 40 19.64 6.87 38.05
N MET A 41 20.32 7.92 37.59
CA MET A 41 20.84 8.01 36.23
C MET A 41 22.15 7.24 36.12
N ILE A 42 23.09 7.55 37.02
CA ILE A 42 24.40 6.92 37.06
C ILE A 42 24.66 6.46 38.49
N ALA A 43 24.60 5.13 38.71
CA ALA A 43 24.73 4.57 40.05
C ALA A 43 26.09 4.94 40.64
N MET A 44 26.08 5.29 41.94
CA MET A 44 27.30 5.50 42.71
C MET A 44 28.22 6.49 42.00
N HIS A 45 27.68 7.63 41.58
CA HIS A 45 28.45 8.61 40.82
C HIS A 45 29.45 9.33 41.73
N ASN A 46 29.03 9.64 42.96
CA ASN A 46 29.85 10.41 43.88
C ASN A 46 29.93 9.67 45.22
N PRO A 47 30.74 8.59 45.32
CA PRO A 47 30.79 7.76 46.54
C PRO A 47 31.45 8.47 47.72
N ALA A 48 30.87 8.29 48.91
CA ALA A 48 31.45 8.82 50.13
C ALA A 48 32.87 8.28 50.30
N THR A 49 33.75 9.12 50.85
CA THR A 49 35.12 8.75 51.17
C THR A 49 35.42 9.20 52.61
N ILE A 50 36.62 8.86 53.09
CA ILE A 50 37.01 9.19 54.45
C ILE A 50 37.16 10.72 54.54
N HIS A 51 37.38 11.37 53.38
CA HIS A 51 37.57 12.81 53.33
C HIS A 51 36.29 13.53 52.91
N ASN A 52 35.37 12.79 52.28
CA ASN A 52 34.05 13.32 51.93
C ASN A 52 32.99 12.34 52.41
N PRO A 53 32.88 12.09 53.75
CA PRO A 53 32.00 11.06 54.29
C PRO A 53 30.52 11.29 54.09
N ASN A 54 30.14 12.55 53.85
CA ASN A 54 28.74 12.92 53.71
C ASN A 54 28.50 13.43 52.30
N ALA A 55 29.07 12.71 51.32
CA ALA A 55 28.97 13.08 49.92
C ALA A 55 27.52 13.40 49.55
N GLN A 56 27.30 14.47 48.78
N GLN A 56 27.36 14.41 48.69
CA GLN A 56 25.95 14.85 48.39
CA GLN A 56 26.09 14.96 48.27
C GLN A 56 25.72 14.44 46.94
C GLN A 56 25.74 14.40 46.89
N THR A 57 24.45 14.18 46.62
CA THR A 57 24.01 13.88 45.26
C THR A 57 23.54 15.19 44.62
N GLU A 58 23.19 15.13 43.33
CA GLU A 58 22.64 16.28 42.63
C GLU A 58 21.24 15.93 42.11
N PHE A 59 20.48 16.97 41.75
CA PHE A 59 19.15 16.80 41.18
C PHE A 59 19.18 17.25 39.73
N VAL A 60 19.56 16.33 38.82
CA VAL A 60 19.90 16.69 37.45
C VAL A 60 18.64 16.74 36.60
N GLU A 61 18.68 17.58 35.55
CA GLU A 61 17.56 17.78 34.65
C GLU A 61 17.84 17.08 33.32
N PHE A 62 16.79 16.52 32.72
CA PHE A 62 16.93 15.80 31.46
C PHE A 62 15.64 15.93 30.65
N PRO A 63 15.74 15.83 29.30
CA PRO A 63 14.58 15.93 28.43
C PRO A 63 13.73 14.67 28.33
N ILE A 64 12.40 14.85 28.25
CA ILE A 64 11.48 13.81 27.83
C ILE A 64 11.12 14.08 26.37
N TYR A 65 11.24 13.07 25.50
CA TYR A 65 10.89 13.27 24.10
C TYR A 65 10.31 11.98 23.51
N THR A 66 9.66 12.16 22.35
CA THR A 66 9.07 11.06 21.59
C THR A 66 9.46 11.23 20.12
N VAL A 67 9.23 10.18 19.32
CA VAL A 67 9.59 10.20 17.92
C VAL A 67 8.39 9.77 17.08
N LEU A 68 8.04 10.58 16.08
CA LEU A 68 7.03 10.22 15.10
C LEU A 68 7.73 9.86 13.80
N ILE A 69 7.48 8.65 13.29
CA ILE A 69 7.90 8.28 11.95
C ILE A 69 6.68 8.31 11.04
N ASP A 70 6.59 9.35 10.21
CA ASP A 70 5.54 9.45 9.20
C ASP A 70 5.95 8.60 8.00
N HIS A 71 5.41 7.38 7.94
CA HIS A 71 5.86 6.37 6.99
C HIS A 71 4.71 6.04 6.03
N PRO A 72 5.00 5.84 4.73
CA PRO A 72 3.96 5.52 3.75
C PRO A 72 2.98 4.45 4.22
N GLU A 73 3.49 3.45 4.95
CA GLU A 73 2.71 2.29 5.33
C GLU A 73 1.87 2.59 6.57
N GLY A 74 2.12 3.74 7.20
CA GLY A 74 1.40 4.15 8.39
C GLY A 74 2.31 4.87 9.38
N LYS A 75 1.73 5.79 10.15
CA LYS A 75 2.47 6.57 11.13
C LYS A 75 2.82 5.70 12.33
N ILE A 76 4.10 5.74 12.74
CA ILE A 76 4.61 4.97 13.87
C ILE A 76 5.08 5.94 14.95
N LEU A 77 4.61 5.72 16.19
CA LEU A 77 5.01 6.55 17.31
C LEU A 77 5.81 5.73 18.32
N PHE A 78 6.96 6.27 18.75
CA PHE A 78 7.83 5.62 19.71
C PHE A 78 7.79 6.39 21.03
N ASP A 79 7.22 5.75 22.07
CA ASP A 79 7.05 6.37 23.37
C ASP A 79 5.98 7.46 23.31
N THR A 80 5.48 7.89 24.48
CA THR A 80 4.34 8.81 24.54
C THR A 80 4.50 9.86 25.65
N SER A 81 5.69 9.93 26.27
CA SER A 81 5.96 10.92 27.31
C SER A 81 5.00 10.74 28.49
N CYS A 82 4.70 11.85 29.19
CA CYS A 82 3.90 11.82 30.41
C CYS A 82 2.48 12.28 30.12
N ASN A 83 1.53 11.90 30.99
CA ASN A 83 0.15 12.35 30.86
C ASN A 83 0.08 13.82 31.30
N PRO A 84 -0.68 14.68 30.57
CA PRO A 84 -0.88 16.07 31.00
C PRO A 84 -1.37 16.23 32.44
N ASN A 85 -2.10 15.20 32.94
CA ASN A 85 -2.74 15.28 34.25
C ASN A 85 -1.85 14.61 35.31
N SER A 86 -0.53 14.63 35.11
CA SER A 86 0.38 13.88 35.96
C SER A 86 0.66 14.64 37.27
N MET A 87 1.03 15.92 37.14
CA MET A 87 1.59 16.68 38.25
C MET A 87 0.52 17.51 38.93
N GLY A 88 0.81 17.94 40.17
CA GLY A 88 -0.07 18.84 40.90
C GLY A 88 -0.96 18.09 41.91
N PRO A 89 -1.73 18.81 42.74
CA PRO A 89 -2.49 18.19 43.83
C PRO A 89 -3.76 17.45 43.39
N GLN A 90 -4.17 17.64 42.14
CA GLN A 90 -5.24 16.85 41.55
C GLN A 90 -4.64 15.91 40.51
N GLY A 91 -3.32 15.69 40.59
CA GLY A 91 -2.59 14.94 39.58
C GLY A 91 -2.74 13.43 39.74
N ARG A 92 -2.33 12.69 38.71
CA ARG A 92 -2.42 11.24 38.70
C ARG A 92 -1.25 10.64 39.50
N TRP A 93 -0.09 11.28 39.41
CA TRP A 93 1.10 10.81 40.10
C TRP A 93 0.97 11.05 41.60
N ALA A 94 1.42 10.07 42.40
CA ALA A 94 1.52 10.22 43.84
C ALA A 94 2.47 11.37 44.15
N GLU A 95 2.26 12.02 45.31
CA GLU A 95 3.06 13.17 45.69
C GLU A 95 4.51 12.73 45.87
N SER A 96 4.71 11.49 46.36
CA SER A 96 6.04 10.94 46.54
C SER A 96 6.77 10.90 45.20
N THR A 97 6.05 10.49 44.15
CA THR A 97 6.62 10.37 42.82
C THR A 97 6.85 11.78 42.25
N GLN A 98 5.86 12.65 42.43
CA GLN A 98 5.94 14.01 41.90
C GLN A 98 7.19 14.71 42.44
N GLN A 99 7.58 14.36 43.68
CA GLN A 99 8.64 15.07 44.38
C GLN A 99 10.01 14.44 44.07
N MET A 100 10.04 13.17 43.67
CA MET A 100 11.30 12.50 43.36
C MET A 100 11.58 12.61 41.86
N PHE A 101 10.51 12.70 41.05
CA PHE A 101 10.66 12.71 39.59
C PHE A 101 9.81 13.82 38.97
N PRO A 102 9.94 15.10 39.43
CA PRO A 102 9.07 16.18 38.94
C PRO A 102 9.18 16.43 37.44
N TRP A 103 8.02 16.54 36.78
CA TRP A 103 7.96 16.83 35.35
C TRP A 103 7.52 18.28 35.13
N THR A 104 8.31 19.03 34.36
CA THR A 104 7.99 20.41 34.01
C THR A 104 7.72 20.52 32.51
N ALA A 105 6.54 21.00 32.13
CA ALA A 105 6.16 21.08 30.73
C ALA A 105 5.12 22.19 30.50
N THR A 106 5.34 22.98 29.45
CA THR A 106 4.35 23.93 28.95
C THR A 106 3.34 23.17 28.08
N GLU A 107 2.16 23.75 27.88
CA GLU A 107 1.08 23.10 27.14
C GLU A 107 1.57 22.69 25.76
N GLU A 108 2.55 23.44 25.22
CA GLU A 108 3.05 23.18 23.88
C GLU A 108 3.82 21.87 23.86
N CYS A 109 4.29 21.42 25.04
CA CYS A 109 5.10 20.22 25.15
C CYS A 109 4.21 18.97 25.22
N TYR A 110 2.94 19.15 25.60
CA TYR A 110 2.00 18.04 25.69
C TYR A 110 1.95 17.32 24.34
N LEU A 111 1.94 15.98 24.38
CA LEU A 111 2.06 15.17 23.17
C LEU A 111 0.96 15.53 22.18
N HIS A 112 -0.29 15.61 22.68
N HIS A 112 -0.28 15.62 22.66
CA HIS A 112 -1.44 15.88 21.83
CA HIS A 112 -1.43 15.87 21.80
C HIS A 112 -1.22 17.17 21.05
C HIS A 112 -1.24 17.18 21.05
N ASN A 113 -0.53 18.14 21.67
CA ASN A 113 -0.32 19.45 21.07
C ASN A 113 0.80 19.38 20.04
N ARG A 114 1.88 18.63 20.36
CA ARG A 114 2.98 18.47 19.43
C ARG A 114 2.49 17.82 18.14
N LEU A 115 1.60 16.83 18.28
CA LEU A 115 1.04 16.11 17.14
C LEU A 115 0.13 17.06 16.36
N GLU A 116 -0.73 17.79 17.09
CA GLU A 116 -1.63 18.78 16.50
C GLU A 116 -0.83 19.76 15.65
N GLN A 117 0.31 20.21 16.17
CA GLN A 117 1.17 21.15 15.46
C GLN A 117 1.59 20.55 14.12
N LEU A 118 1.78 19.22 14.10
CA LEU A 118 2.23 18.51 12.92
C LEU A 118 1.02 18.11 12.06
N LYS A 119 -0.17 18.54 12.48
CA LYS A 119 -1.41 18.23 11.78
C LYS A 119 -1.61 16.71 11.75
N VAL A 120 -1.31 16.05 12.87
CA VAL A 120 -1.53 14.62 13.01
C VAL A 120 -2.52 14.39 14.16
N ARG A 121 -3.58 13.63 13.89
CA ARG A 121 -4.55 13.24 14.90
C ARG A 121 -4.12 11.92 15.54
N PRO A 122 -4.30 11.76 16.87
CA PRO A 122 -4.11 10.47 17.53
C PRO A 122 -4.66 9.29 16.71
N GLU A 123 -5.80 9.52 16.08
N GLU A 123 -5.81 9.48 16.08
CA GLU A 123 -6.54 8.49 15.37
CA GLU A 123 -6.50 8.40 15.39
C GLU A 123 -5.76 8.05 14.13
C GLU A 123 -5.71 8.00 14.15
N ASP A 124 -4.75 8.85 13.74
CA ASP A 124 -3.97 8.61 12.54
C ASP A 124 -2.76 7.73 12.84
N ILE A 125 -2.54 7.40 14.13
CA ILE A 125 -1.39 6.58 14.50
C ILE A 125 -1.76 5.11 14.34
N ARG A 126 -0.97 4.40 13.51
CA ARG A 126 -1.20 2.99 13.25
C ARG A 126 -0.53 2.15 14.34
N TYR A 127 0.69 2.55 14.73
CA TYR A 127 1.49 1.80 15.68
C TYR A 127 2.09 2.73 16.73
N VAL A 128 1.93 2.35 18.00
CA VAL A 128 2.67 2.95 19.09
C VAL A 128 3.62 1.89 19.67
N VAL A 129 4.92 2.19 19.68
CA VAL A 129 5.89 1.29 20.28
C VAL A 129 6.23 1.81 21.67
N ALA A 130 5.83 1.04 22.69
CA ALA A 130 6.14 1.36 24.08
C ALA A 130 7.49 0.75 24.45
N SER A 131 8.51 1.60 24.59
CA SER A 131 9.84 1.14 24.96
C SER A 131 9.76 0.40 26.29
N HIS A 132 8.93 0.93 27.18
CA HIS A 132 8.59 0.32 28.46
C HIS A 132 7.45 1.16 29.04
N LEU A 133 6.94 0.77 30.23
CA LEU A 133 5.69 1.34 30.72
C LEU A 133 5.93 2.24 31.93
N HIS A 134 7.11 2.87 31.98
CA HIS A 134 7.43 3.84 33.02
C HIS A 134 6.62 5.12 32.81
N LEU A 135 6.55 5.93 33.87
CA LEU A 135 5.64 7.08 33.94
C LEU A 135 5.92 8.07 32.80
N ASN A 136 7.19 8.18 32.37
CA ASN A 136 7.58 9.20 31.42
C ASN A 136 7.72 8.61 30.02
N HIS A 137 7.12 7.44 29.77
CA HIS A 137 7.18 6.83 28.46
C HIS A 137 5.80 6.36 28.00
N ALA A 138 4.93 5.99 28.96
CA ALA A 138 3.64 5.39 28.64
C ALA A 138 2.50 6.33 29.02
N GLY A 139 2.84 7.61 29.28
CA GLY A 139 1.90 8.56 29.87
C GLY A 139 0.63 8.76 29.04
N CYS A 140 0.74 8.68 27.71
CA CYS A 140 -0.36 9.06 26.83
C CYS A 140 -0.78 7.93 25.91
N LEU A 141 -0.48 6.68 26.28
CA LEU A 141 -0.92 5.53 25.51
C LEU A 141 -2.43 5.64 25.26
N GLU A 142 -3.16 6.18 26.24
CA GLU A 142 -4.62 6.10 26.26
C GLU A 142 -5.22 6.91 25.11
N MET A 143 -4.40 7.76 24.48
CA MET A 143 -4.84 8.64 23.40
C MET A 143 -5.11 7.83 22.13
N PHE A 144 -4.36 6.74 21.97
CA PHE A 144 -4.26 6.06 20.68
C PHE A 144 -5.16 4.84 20.66
N THR A 145 -6.47 5.10 20.47
CA THR A 145 -7.49 4.06 20.54
C THR A 145 -7.66 3.39 19.18
N ASN A 146 -6.94 3.89 18.17
N ASN A 146 -6.94 3.89 18.16
CA ASN A 146 -7.04 3.37 16.81
CA ASN A 146 -7.05 3.36 16.81
C ASN A 146 -5.73 2.70 16.41
C ASN A 146 -5.70 2.77 16.39
N ALA A 147 -4.76 2.65 17.35
CA ALA A 147 -3.44 2.11 17.06
C ALA A 147 -3.30 0.69 17.61
N THR A 148 -2.30 -0.05 17.12
CA THR A 148 -1.82 -1.24 17.80
C THR A 148 -0.67 -0.83 18.71
N ILE A 149 -0.82 -1.08 20.02
CA ILE A 149 0.20 -0.72 20.98
C ILE A 149 1.15 -1.91 21.15
N ILE A 150 2.40 -1.71 20.70
CA ILE A 150 3.43 -2.74 20.78
C ILE A 150 4.22 -2.54 22.07
N VAL A 151 4.29 -3.60 22.88
CA VAL A 151 4.90 -3.55 24.20
C VAL A 151 5.46 -4.93 24.52
N HIS A 152 6.54 -4.98 25.31
CA HIS A 152 7.14 -6.25 25.71
C HIS A 152 6.19 -6.92 26.70
N GLU A 153 5.97 -8.23 26.52
CA GLU A 153 4.96 -8.94 27.30
C GLU A 153 5.35 -8.92 28.79
N ASP A 154 6.65 -9.00 29.08
CA ASP A 154 7.11 -9.02 30.46
C ASP A 154 6.85 -7.66 31.11
N GLU A 155 7.03 -6.58 30.34
CA GLU A 155 6.78 -5.24 30.83
C GLU A 155 5.29 -5.06 31.10
N PHE A 156 4.46 -5.57 30.18
CA PHE A 156 3.01 -5.47 30.28
C PHE A 156 2.53 -6.20 31.52
N ASN A 157 3.02 -7.44 31.71
CA ASN A 157 2.65 -8.27 32.85
C ASN A 157 3.01 -7.54 34.14
N GLY A 158 4.24 -6.98 34.17
CA GLY A 158 4.74 -6.31 35.36
C GLY A 158 3.88 -5.11 35.75
N ALA A 159 3.53 -4.29 34.75
CA ALA A 159 2.72 -3.10 34.99
C ALA A 159 1.33 -3.49 35.47
N LEU A 160 0.77 -4.56 34.90
CA LEU A 160 -0.57 -5.01 35.22
C LEU A 160 -0.62 -5.51 36.68
N GLN A 161 0.49 -6.12 37.13
CA GLN A 161 0.57 -6.58 38.51
C GLN A 161 0.59 -5.37 39.45
N CYS A 162 1.32 -4.33 39.07
CA CYS A 162 1.33 -3.10 39.85
C CYS A 162 -0.11 -2.62 40.03
N TYR A 163 -0.87 -2.67 38.93
CA TYR A 163 -2.26 -2.22 38.92
C TYR A 163 -3.11 -3.08 39.86
N ALA A 164 -3.03 -4.41 39.67
CA ALA A 164 -3.87 -5.34 40.40
C ALA A 164 -3.53 -5.32 41.90
N ARG A 165 -2.28 -5.00 42.21
CA ARG A 165 -1.80 -4.96 43.59
C ARG A 165 -2.07 -3.59 44.20
N ASN A 166 -2.69 -2.69 43.41
CA ASN A 166 -3.06 -1.37 43.89
C ASN A 166 -1.82 -0.65 44.41
N GLN A 167 -0.74 -0.70 43.61
N GLN A 167 -0.74 -0.71 43.61
CA GLN A 167 0.48 0.03 43.92
CA GLN A 167 0.49 0.03 43.92
C GLN A 167 0.33 1.46 43.41
C GLN A 167 0.32 1.47 43.41
N LYS A 168 0.24 2.42 44.34
CA LYS A 168 -0.04 3.81 44.01
C LYS A 168 1.23 4.65 44.03
N GLU A 169 2.37 4.02 44.29
CA GLU A 169 3.66 4.70 44.21
C GLU A 169 4.56 3.96 43.23
N GLY A 170 5.72 4.55 42.94
CA GLY A 170 6.69 3.96 42.02
C GLY A 170 6.60 4.58 40.63
N ALA A 171 7.24 3.91 39.66
CA ALA A 171 7.42 4.45 38.32
C ALA A 171 6.30 3.99 37.40
N TYR A 172 5.38 3.17 37.92
CA TYR A 172 4.23 2.70 37.16
C TYR A 172 2.97 3.36 37.71
N ILE A 173 2.32 4.17 36.88
CA ILE A 173 1.23 5.04 37.33
C ILE A 173 -0.10 4.28 37.25
N TRP A 174 -0.69 4.04 38.42
CA TRP A 174 -1.94 3.29 38.53
C TRP A 174 -3.03 3.94 37.67
N ALA A 175 -3.09 5.27 37.70
CA ALA A 175 -4.15 6.02 37.03
C ALA A 175 -3.99 5.93 35.52
N ASP A 176 -2.74 5.83 35.05
CA ASP A 176 -2.47 5.71 33.63
C ASP A 176 -2.93 4.34 33.14
N ILE A 177 -2.54 3.28 33.87
CA ILE A 177 -2.88 1.92 33.52
C ILE A 177 -4.40 1.78 33.51
N ASP A 178 -5.05 2.37 34.51
CA ASP A 178 -6.50 2.34 34.64
C ASP A 178 -7.13 2.83 33.34
N ALA A 179 -6.55 3.89 32.77
CA ALA A 179 -7.09 4.53 31.58
C ALA A 179 -6.84 3.67 30.34
N TRP A 180 -5.65 3.04 30.27
CA TRP A 180 -5.33 2.15 29.16
C TRP A 180 -6.44 1.10 29.03
N ILE A 181 -6.87 0.57 30.18
CA ILE A 181 -7.84 -0.52 30.22
C ILE A 181 -9.23 0.02 29.84
N LYS A 182 -9.56 1.22 30.34
CA LYS A 182 -10.88 1.80 30.11
C LYS A 182 -11.02 2.22 28.65
N ASN A 183 -9.91 2.60 28.02
CA ASN A 183 -9.93 3.09 26.65
C ASN A 183 -9.86 1.92 25.66
N ASN A 184 -9.79 0.69 26.19
CA ASN A 184 -9.87 -0.52 25.37
C ASN A 184 -8.79 -0.50 24.29
N LEU A 185 -7.54 -0.19 24.69
CA LEU A 185 -6.42 -0.15 23.76
C LEU A 185 -6.20 -1.53 23.13
N GLN A 186 -5.61 -1.54 21.93
CA GLN A 186 -5.35 -2.76 21.18
CA GLN A 186 -5.35 -2.77 21.20
C GLN A 186 -3.89 -3.15 21.35
N TRP A 187 -3.65 -4.22 22.13
CA TRP A 187 -2.30 -4.62 22.54
C TRP A 187 -1.70 -5.66 21.60
N ARG A 188 -0.41 -5.47 21.30
CA ARG A 188 0.42 -6.45 20.62
C ARG A 188 1.67 -6.68 21.46
N THR A 189 1.69 -7.76 22.25
CA THR A 189 2.83 -8.02 23.14
C THR A 189 3.94 -8.71 22.35
N VAL A 190 5.17 -8.22 22.54
CA VAL A 190 6.36 -8.87 22.04
C VAL A 190 6.76 -9.97 23.03
N LYS A 191 6.73 -11.22 22.57
CA LYS A 191 6.98 -12.36 23.45
C LYS A 191 8.45 -12.36 23.88
N ARG A 192 8.73 -12.97 25.04
CA ARG A 192 10.05 -12.93 25.64
C ARG A 192 11.11 -13.37 24.64
N HIS A 193 10.83 -14.45 23.90
CA HIS A 193 11.82 -15.04 23.02
C HIS A 193 11.49 -14.73 21.55
N GLU A 194 10.83 -13.58 21.32
CA GLU A 194 10.38 -13.24 19.98
C GLU A 194 11.47 -12.49 19.23
N ASP A 195 11.63 -12.83 17.95
CA ASP A 195 12.56 -12.14 17.06
C ASP A 195 12.12 -10.70 16.86
N ASN A 196 13.05 -9.87 16.38
CA ASN A 196 12.77 -8.50 15.97
C ASN A 196 11.55 -8.49 15.05
N ILE A 197 10.78 -7.40 15.08
CA ILE A 197 9.58 -7.27 14.28
C ILE A 197 9.80 -6.22 13.19
N LEU A 198 9.61 -6.62 11.92
CA LEU A 198 9.61 -5.67 10.82
C LEU A 198 8.23 -5.00 10.75
N LEU A 199 8.19 -3.73 11.17
CA LEU A 199 6.94 -2.99 11.32
C LEU A 199 6.54 -2.37 10.00
N ALA A 200 7.56 -1.87 9.28
CA ALA A 200 7.41 -1.23 7.98
C ALA A 200 8.78 -1.22 7.31
N GLU A 201 8.81 -0.92 6.01
CA GLU A 201 10.08 -0.86 5.30
C GLU A 201 11.04 0.04 6.07
N GLY A 202 12.16 -0.54 6.53
CA GLY A 202 13.23 0.21 7.18
C GLY A 202 12.90 0.55 8.64
N VAL A 203 11.89 -0.10 9.22
CA VAL A 203 11.53 0.12 10.61
C VAL A 203 11.38 -1.23 11.32
N LYS A 204 12.25 -1.49 12.29
CA LYS A 204 12.26 -2.75 13.04
C LYS A 204 12.17 -2.48 14.54
N VAL A 205 11.27 -3.20 15.22
CA VAL A 205 11.20 -3.18 16.67
C VAL A 205 12.22 -4.17 17.21
N LEU A 206 13.15 -3.69 18.04
CA LEU A 206 14.18 -4.52 18.65
C LEU A 206 13.69 -5.00 20.02
N ASN A 207 13.77 -6.33 20.24
CA ASN A 207 13.39 -6.94 21.50
C ASN A 207 14.60 -7.01 22.42
N PHE A 208 14.75 -6.01 23.30
CA PHE A 208 15.92 -5.91 24.17
C PHE A 208 15.76 -6.81 25.39
N GLY A 209 14.51 -7.15 25.74
CA GLY A 209 14.23 -7.98 26.91
C GLY A 209 14.52 -7.23 28.21
N SER A 210 14.87 -7.99 29.26
CA SER A 210 14.94 -7.46 30.61
C SER A 210 16.28 -6.75 30.83
N GLY A 211 16.23 -5.65 31.59
CA GLY A 211 17.40 -4.86 31.92
C GLY A 211 17.03 -3.68 32.82
N HIS A 212 16.95 -2.48 32.21
CA HIS A 212 16.45 -1.30 32.91
C HIS A 212 15.13 -1.65 33.57
N ALA A 213 14.23 -2.27 32.80
CA ALA A 213 12.92 -2.66 33.29
C ALA A 213 12.64 -4.12 32.92
N TRP A 214 11.40 -4.58 33.13
CA TRP A 214 11.05 -5.98 32.89
C TRP A 214 11.24 -6.33 31.41
N GLY A 215 10.86 -5.41 30.52
CA GLY A 215 10.86 -5.68 29.09
C GLY A 215 11.05 -4.40 28.26
N MET A 216 12.21 -4.29 27.63
CA MET A 216 12.61 -3.09 26.90
C MET A 216 12.49 -3.33 25.40
N LEU A 217 11.89 -2.35 24.70
CA LEU A 217 11.81 -2.37 23.25
C LEU A 217 12.60 -1.19 22.69
N GLY A 218 13.36 -1.45 21.62
CA GLY A 218 14.03 -0.40 20.87
C GLY A 218 13.51 -0.34 19.43
N LEU A 219 14.06 0.60 18.64
CA LEU A 219 13.68 0.74 17.25
C LEU A 219 14.95 0.97 16.43
N HIS A 220 15.06 0.24 15.30
CA HIS A 220 16.03 0.59 14.28
C HIS A 220 15.27 1.18 13.09
N VAL A 221 15.63 2.41 12.71
CA VAL A 221 15.03 3.08 11.57
C VAL A 221 16.10 3.31 10.51
N GLU A 222 15.83 2.83 9.29
CA GLU A 222 16.71 3.07 8.16
C GLU A 222 16.10 4.18 7.29
N LEU A 223 16.67 5.38 7.38
CA LEU A 223 16.20 6.54 6.62
C LEU A 223 17.04 6.70 5.36
N PRO A 224 16.40 6.86 4.18
CA PRO A 224 17.13 6.99 2.92
C PRO A 224 18.34 7.91 2.97
N GLU A 225 18.17 9.10 3.55
CA GLU A 225 19.21 10.11 3.58
C GLU A 225 20.06 9.97 4.84
N THR A 226 19.43 10.11 6.01
CA THR A 226 20.13 10.15 7.28
C THR A 226 20.85 8.81 7.52
N GLY A 227 20.25 7.73 7.02
CA GLY A 227 20.78 6.39 7.27
C GLY A 227 20.16 5.76 8.52
N GLY A 228 20.99 5.06 9.31
CA GLY A 228 20.51 4.22 10.40
C GLY A 228 20.39 4.99 11.72
N ILE A 229 19.30 4.72 12.45
CA ILE A 229 19.05 5.30 13.76
C ILE A 229 18.55 4.21 14.70
N ILE A 230 19.16 4.12 15.89
CA ILE A 230 18.67 3.25 16.95
C ILE A 230 18.08 4.11 18.06
N LEU A 231 16.78 3.94 18.30
CA LEU A 231 16.13 4.53 19.47
C LEU A 231 16.30 3.55 20.64
N ALA A 232 17.16 3.93 21.60
CA ALA A 232 17.53 3.04 22.70
C ALA A 232 16.57 3.22 23.88
N SER A 233 15.93 4.40 23.95
CA SER A 233 15.16 4.77 25.11
C SER A 233 16.00 4.53 26.37
N ASP A 234 15.38 4.00 27.43
CA ASP A 234 16.03 3.92 28.73
C ASP A 234 16.98 2.72 28.82
N ALA A 235 17.21 2.03 27.70
CA ALA A 235 18.21 0.98 27.67
C ALA A 235 19.59 1.62 27.80
N ILE A 236 19.69 2.89 27.39
CA ILE A 236 20.87 3.71 27.58
C ILE A 236 20.41 5.15 27.85
N TYR A 237 20.56 5.60 29.11
CA TYR A 237 20.12 6.92 29.51
C TYR A 237 20.86 8.00 28.73
N THR A 238 22.20 7.95 28.74
CA THR A 238 23.03 9.03 28.23
C THR A 238 24.32 8.48 27.62
N ALA A 239 25.11 9.36 27.01
CA ALA A 239 26.40 9.01 26.45
C ALA A 239 27.34 8.55 27.56
N GLU A 240 27.11 9.07 28.77
CA GLU A 240 27.88 8.70 29.94
C GLU A 240 27.58 7.24 30.31
N SER A 241 26.31 6.85 30.17
CA SER A 241 25.89 5.47 30.39
C SER A 241 26.62 4.56 29.41
N TYR A 242 26.69 5.01 28.15
CA TYR A 242 27.15 4.20 27.03
C TYR A 242 28.64 3.92 27.15
N GLY A 243 29.43 4.96 27.47
CA GLY A 243 30.86 4.83 27.55
C GLY A 243 31.48 4.56 26.18
N PRO A 244 32.43 3.61 26.06
CA PRO A 244 32.82 2.73 27.17
C PRO A 244 33.63 3.46 28.23
N PRO A 245 33.69 2.95 29.48
CA PRO A 245 32.97 1.73 29.86
C PRO A 245 31.54 2.08 30.23
N ILE A 246 30.68 1.06 30.37
CA ILE A 246 29.29 1.27 30.72
C ILE A 246 29.20 1.80 32.15
N LYS A 247 28.33 2.79 32.37
CA LYS A 247 28.01 3.26 33.70
C LYS A 247 26.52 3.04 33.94
N PRO A 248 26.14 1.92 34.61
CA PRO A 248 24.74 1.53 34.76
C PRO A 248 23.95 2.41 35.72
N PRO A 249 22.61 2.45 35.58
CA PRO A 249 21.75 3.28 36.44
C PRO A 249 21.39 2.64 37.77
N GLY A 250 20.81 3.44 38.66
CA GLY A 250 20.23 2.95 39.91
C GLY A 250 18.82 2.38 39.69
N ILE A 251 18.08 2.95 38.73
CA ILE A 251 16.81 2.38 38.30
C ILE A 251 17.12 1.21 37.37
N ILE A 252 17.01 -0.02 37.89
CA ILE A 252 17.49 -1.21 37.18
C ILE A 252 16.81 -2.45 37.75
N TYR A 253 16.38 -3.35 36.87
CA TYR A 253 15.73 -4.60 37.24
C TYR A 253 16.72 -5.75 37.12
N ASP A 254 17.30 -5.89 35.92
CA ASP A 254 18.14 -7.03 35.56
C ASP A 254 19.51 -6.51 35.11
N SER A 255 20.47 -6.49 36.05
CA SER A 255 21.76 -5.86 35.81
C SER A 255 22.50 -6.54 34.67
N LEU A 256 22.47 -7.88 34.63
N LEU A 256 22.47 -7.88 34.65
CA LEU A 256 23.16 -8.64 33.60
CA LEU A 256 23.13 -8.67 33.61
C LEU A 256 22.52 -8.33 32.24
C LEU A 256 22.51 -8.32 32.26
N GLY A 257 21.18 -8.39 32.19
CA GLY A 257 20.44 -8.10 30.97
C GLY A 257 20.69 -6.67 30.48
N TYR A 258 20.83 -5.74 31.43
CA TYR A 258 21.07 -4.35 31.10
C TYR A 258 22.41 -4.22 30.39
N MET A 259 23.45 -4.88 30.94
CA MET A 259 24.78 -4.81 30.39
C MET A 259 24.79 -5.45 29.00
N ASN A 260 24.12 -6.61 28.87
CA ASN A 260 24.05 -7.32 27.62
C ASN A 260 23.39 -6.43 26.56
N THR A 261 22.30 -5.75 26.94
CA THR A 261 21.54 -4.94 25.99
C THR A 261 22.41 -3.80 25.45
N VAL A 262 23.14 -3.11 26.33
CA VAL A 262 23.96 -1.97 25.93
C VAL A 262 24.99 -2.43 24.90
N GLU A 263 25.64 -3.58 25.17
CA GLU A 263 26.71 -4.06 24.32
C GLU A 263 26.13 -4.55 23.00
N ARG A 264 24.90 -5.07 23.03
CA ARG A 264 24.23 -5.51 21.83
C ARG A 264 23.93 -4.31 20.93
N ILE A 265 23.52 -3.20 21.55
CA ILE A 265 23.23 -1.97 20.83
C ILE A 265 24.51 -1.44 20.19
N ARG A 266 25.62 -1.54 20.92
CA ARG A 266 26.91 -1.07 20.43
C ARG A 266 27.28 -1.84 19.17
N ARG A 267 27.00 -3.16 19.17
CA ARG A 267 27.33 -4.01 18.04
C ARG A 267 26.46 -3.66 16.84
N ILE A 268 25.14 -3.53 17.08
CA ILE A 268 24.21 -3.22 16.01
C ILE A 268 24.57 -1.88 15.38
N ALA A 269 24.92 -0.90 16.22
CA ALA A 269 25.30 0.43 15.75
C ALA A 269 26.49 0.31 14.82
N GLN A 270 27.52 -0.43 15.26
CA GLN A 270 28.74 -0.64 14.49
C GLN A 270 28.40 -1.34 13.18
N GLU A 271 27.68 -2.46 13.25
CA GLU A 271 27.47 -3.33 12.10
C GLU A 271 26.54 -2.67 11.08
N THR A 272 25.60 -1.83 11.54
CA THR A 272 24.65 -1.19 10.63
C THR A 272 25.02 0.27 10.40
N LYS A 273 26.14 0.72 10.96
CA LYS A 273 26.55 2.12 10.90
C LYS A 273 25.37 3.01 11.26
N SER A 274 24.79 2.79 12.45
CA SER A 274 23.66 3.58 12.93
C SER A 274 24.11 4.54 14.03
N GLN A 275 23.41 5.67 14.12
CA GLN A 275 23.48 6.54 15.28
C GLN A 275 22.71 5.90 16.44
N VAL A 276 23.16 6.14 17.67
CA VAL A 276 22.43 5.70 18.86
C VAL A 276 21.81 6.94 19.53
N TRP A 277 20.47 6.97 19.55
CA TRP A 277 19.74 8.04 20.22
C TRP A 277 19.34 7.58 21.63
N PHE A 278 19.95 8.21 22.65
CA PHE A 278 19.80 7.80 24.04
C PHE A 278 18.45 8.24 24.57
N GLY A 279 18.08 7.72 25.74
CA GLY A 279 16.79 7.99 26.35
C GLY A 279 16.65 9.46 26.76
N HIS A 280 17.69 10.02 27.37
CA HIS A 280 17.65 11.36 27.92
CA HIS A 280 17.64 11.41 27.81
C HIS A 280 19.04 11.99 28.00
N ASP A 281 19.72 12.18 26.86
CA ASP A 281 21.00 12.88 26.85
C ASP A 281 20.73 14.35 26.50
N ALA A 282 21.03 15.25 27.44
CA ALA A 282 20.72 16.66 27.29
C ALA A 282 21.46 17.26 26.09
N GLU A 283 22.75 16.95 25.98
CA GLU A 283 23.58 17.47 24.89
C GLU A 283 23.03 17.00 23.55
N GLN A 284 22.73 15.69 23.46
CA GLN A 284 22.28 15.09 22.23
C GLN A 284 20.92 15.67 21.81
N PHE A 285 20.01 15.75 22.79
CA PHE A 285 18.66 16.26 22.53
C PHE A 285 18.76 17.69 21.99
N LYS A 286 19.66 18.46 22.59
CA LYS A 286 19.91 19.84 22.19
C LYS A 286 20.16 19.90 20.68
N LYS A 287 20.98 18.99 20.18
CA LYS A 287 21.45 19.02 18.80
C LYS A 287 20.34 18.57 17.84
N PHE A 288 19.42 17.74 18.33
CA PHE A 288 18.35 17.21 17.49
C PHE A 288 17.60 18.34 16.80
N ARG A 289 17.10 18.05 15.59
CA ARG A 289 16.14 18.92 14.91
C ARG A 289 14.73 18.56 15.38
N LYS A 290 14.10 19.47 16.12
CA LYS A 290 12.83 19.19 16.76
C LYS A 290 11.69 19.38 15.76
N SER A 291 10.50 18.90 16.14
CA SER A 291 9.32 18.92 15.27
C SER A 291 8.96 20.34 14.84
N THR A 292 9.32 21.33 15.68
CA THR A 292 8.97 22.72 15.40
C THR A 292 9.86 23.29 14.29
N GLU A 293 11.03 22.67 14.06
CA GLU A 293 11.98 23.21 13.10
C GLU A 293 11.99 22.37 11.83
N GLY A 294 11.73 21.07 11.94
CA GLY A 294 11.70 20.21 10.75
C GLY A 294 11.66 18.72 11.09
N TYR A 295 12.29 17.92 10.23
CA TYR A 295 12.24 16.46 10.33
C TYR A 295 13.54 15.85 9.81
N TYR A 296 13.66 14.53 9.96
CA TYR A 296 14.77 13.77 9.41
C TYR A 296 14.25 12.94 8.24
N GLU A 297 15.11 12.73 7.23
CA GLU A 297 14.74 11.90 6.09
C GLU A 297 15.99 11.16 5.59
N ALA B 22 19.94 -21.31 -11.32
CA ALA B 22 19.11 -22.53 -11.45
C ALA B 22 17.69 -22.15 -11.88
N ARG B 23 17.12 -22.94 -12.79
N ARG B 23 17.13 -22.93 -12.81
CA ARG B 23 15.78 -22.72 -13.31
CA ARG B 23 15.76 -22.70 -13.27
C ARG B 23 14.93 -23.97 -13.06
C ARG B 23 14.95 -23.98 -13.06
N PRO B 24 14.53 -24.26 -11.80
CA PRO B 24 13.74 -25.46 -11.50
C PRO B 24 12.28 -25.41 -11.93
N LYS B 25 11.65 -26.58 -11.98
CA LYS B 25 10.20 -26.69 -12.17
C LYS B 25 9.60 -27.41 -10.96
N LEU B 26 8.60 -26.78 -10.35
CA LEU B 26 7.98 -27.33 -9.15
C LEU B 26 6.59 -27.86 -9.50
N TYR B 27 6.32 -29.13 -9.11
CA TYR B 27 5.09 -29.82 -9.46
C TYR B 27 4.28 -30.17 -8.20
N VAL B 28 2.96 -29.95 -8.28
CA VAL B 28 2.02 -30.39 -7.25
C VAL B 28 1.32 -31.66 -7.75
N MET B 29 1.47 -32.76 -7.00
CA MET B 29 0.94 -34.05 -7.41
C MET B 29 -0.24 -34.44 -6.52
N ASP B 30 -1.39 -34.71 -7.16
CA ASP B 30 -2.62 -35.07 -6.47
C ASP B 30 -2.59 -36.55 -6.09
N ASN B 31 -2.55 -36.85 -4.78
CA ASN B 31 -2.42 -38.23 -4.31
C ASN B 31 -3.70 -38.67 -3.60
N GLY B 32 -4.85 -38.10 -3.98
CA GLY B 32 -6.13 -38.57 -3.50
C GLY B 32 -6.67 -37.74 -2.34
N ARG B 33 -7.63 -38.31 -1.60
CA ARG B 33 -8.36 -37.59 -0.56
C ARG B 33 -8.49 -38.47 0.67
N MET B 34 -8.45 -37.85 1.85
CA MET B 34 -8.78 -38.55 3.09
C MET B 34 -9.97 -37.83 3.74
N ARG B 35 -10.62 -38.53 4.67
CA ARG B 35 -11.65 -37.94 5.50
C ARG B 35 -11.33 -38.22 6.97
N MET B 36 -11.75 -37.31 7.85
CA MET B 36 -11.63 -37.54 9.28
C MET B 36 -12.51 -36.55 10.04
N ASP B 37 -12.70 -36.84 11.34
CA ASP B 37 -13.41 -35.98 12.26
C ASP B 37 -12.84 -34.56 12.15
N LYS B 38 -13.71 -33.55 12.05
CA LYS B 38 -13.28 -32.17 11.93
C LYS B 38 -12.50 -31.75 13.18
N ASN B 39 -12.82 -32.39 14.31
CA ASN B 39 -12.18 -32.08 15.58
C ASN B 39 -10.68 -32.37 15.51
N TRP B 40 -10.28 -33.39 14.75
CA TRP B 40 -8.86 -33.64 14.51
C TRP B 40 -8.23 -32.39 13.87
N MET B 41 -8.99 -31.74 12.99
CA MET B 41 -8.48 -30.66 12.15
C MET B 41 -8.51 -29.34 12.90
N ILE B 42 -9.68 -29.01 13.46
CA ILE B 42 -9.86 -27.81 14.26
C ILE B 42 -10.43 -28.25 15.62
N ALA B 43 -9.60 -28.15 16.67
CA ALA B 43 -9.99 -28.66 17.99
C ALA B 43 -11.26 -27.96 18.47
N MET B 44 -12.17 -28.75 19.06
CA MET B 44 -13.35 -28.23 19.73
C MET B 44 -14.06 -27.22 18.83
N HIS B 45 -14.36 -27.62 17.58
CA HIS B 45 -14.88 -26.70 16.59
C HIS B 45 -16.37 -26.40 16.84
N ASN B 46 -17.08 -27.33 17.49
CA ASN B 46 -18.51 -27.19 17.71
C ASN B 46 -18.87 -27.71 19.10
N PRO B 47 -18.51 -26.97 20.18
CA PRO B 47 -18.75 -27.44 21.54
C PRO B 47 -20.22 -27.60 21.89
N ALA B 48 -20.54 -28.66 22.64
CA ALA B 48 -21.88 -28.87 23.18
C ALA B 48 -22.30 -27.68 24.04
N THR B 49 -23.60 -27.37 24.02
CA THR B 49 -24.18 -26.33 24.86
C THR B 49 -25.39 -26.90 25.59
N ILE B 50 -26.01 -26.06 26.43
CA ILE B 50 -27.20 -26.45 27.18
C ILE B 50 -28.32 -26.77 26.19
N HIS B 51 -28.30 -26.12 25.02
CA HIS B 51 -29.37 -26.27 24.05
C HIS B 51 -28.93 -27.15 22.88
N ASN B 52 -27.64 -27.55 22.88
CA ASN B 52 -27.14 -28.53 21.93
C ASN B 52 -26.18 -29.47 22.67
N PRO B 53 -26.69 -30.26 23.63
CA PRO B 53 -25.84 -31.07 24.52
C PRO B 53 -25.21 -32.29 23.87
N ASN B 54 -25.78 -32.72 22.74
CA ASN B 54 -25.25 -33.86 22.01
C ASN B 54 -24.69 -33.36 20.67
N ALA B 55 -23.95 -32.26 20.73
CA ALA B 55 -23.42 -31.59 19.55
C ALA B 55 -22.72 -32.61 18.65
N GLN B 56 -22.92 -32.43 17.33
CA GLN B 56 -22.40 -33.36 16.35
C GLN B 56 -21.14 -32.80 15.71
N THR B 57 -20.19 -33.69 15.39
CA THR B 57 -19.05 -33.34 14.56
C THR B 57 -19.41 -33.63 13.11
N GLU B 58 -18.44 -33.44 12.21
CA GLU B 58 -18.61 -33.78 10.80
C GLU B 58 -17.34 -34.47 10.30
N PHE B 59 -17.53 -35.37 9.32
CA PHE B 59 -16.44 -36.12 8.71
C PHE B 59 -16.02 -35.39 7.43
N VAL B 60 -14.92 -34.64 7.49
CA VAL B 60 -14.56 -33.73 6.43
C VAL B 60 -13.53 -34.38 5.50
N GLU B 61 -13.66 -34.11 4.19
CA GLU B 61 -12.73 -34.60 3.20
C GLU B 61 -11.65 -33.55 2.96
N PHE B 62 -10.40 -33.99 2.78
CA PHE B 62 -9.29 -33.08 2.52
C PHE B 62 -8.33 -33.71 1.51
N PRO B 63 -7.61 -32.87 0.73
CA PRO B 63 -6.63 -33.35 -0.26
C PRO B 63 -5.31 -33.84 0.34
N ILE B 64 -4.78 -34.94 -0.23
CA ILE B 64 -3.43 -35.40 0.05
C ILE B 64 -2.55 -35.08 -1.16
N TYR B 65 -1.45 -34.34 -0.97
CA TYR B 65 -0.60 -33.97 -2.10
C TYR B 65 0.87 -34.04 -1.72
N THR B 66 1.71 -34.13 -2.76
CA THR B 66 3.16 -34.12 -2.63
C THR B 66 3.72 -33.09 -3.61
N VAL B 67 4.96 -32.66 -3.39
CA VAL B 67 5.59 -31.66 -4.25
C VAL B 67 6.92 -32.21 -4.77
N LEU B 68 7.10 -32.15 -6.09
CA LEU B 68 8.38 -32.46 -6.71
C LEU B 68 9.03 -31.16 -7.17
N ILE B 69 10.27 -30.92 -6.72
CA ILE B 69 11.08 -29.85 -7.27
C ILE B 69 12.12 -30.47 -8.20
N ASP B 70 11.88 -30.37 -9.50
CA ASP B 70 12.86 -30.77 -10.50
C ASP B 70 13.93 -29.70 -10.58
N HIS B 71 15.02 -29.91 -9.82
CA HIS B 71 16.10 -28.93 -9.70
C HIS B 71 17.31 -29.44 -10.47
N PRO B 72 18.08 -28.55 -11.15
CA PRO B 72 19.29 -28.97 -11.85
C PRO B 72 20.30 -29.72 -10.97
N GLU B 73 20.29 -29.43 -9.66
CA GLU B 73 21.22 -30.05 -8.73
C GLU B 73 20.72 -31.44 -8.34
N GLY B 74 19.47 -31.74 -8.67
CA GLY B 74 18.86 -33.03 -8.35
C GLY B 74 17.40 -32.87 -7.96
N LYS B 75 16.62 -33.95 -8.16
CA LYS B 75 15.19 -33.93 -7.88
C LYS B 75 14.97 -34.06 -6.38
N ILE B 76 14.09 -33.17 -5.86
CA ILE B 76 13.74 -33.13 -4.45
C ILE B 76 12.25 -33.38 -4.32
N LEU B 77 11.88 -34.31 -3.43
CA LEU B 77 10.49 -34.68 -3.20
C LEU B 77 10.10 -34.32 -1.77
N PHE B 78 9.03 -33.52 -1.62
CA PHE B 78 8.51 -33.15 -0.31
C PHE B 78 7.28 -34.00 -0.02
N ASP B 79 7.41 -34.90 0.98
CA ASP B 79 6.33 -35.80 1.39
C ASP B 79 6.12 -36.88 0.34
N THR B 80 5.37 -37.95 0.71
CA THR B 80 5.24 -39.13 -0.14
C THR B 80 3.84 -39.73 -0.06
N SER B 81 2.88 -39.00 0.53
CA SER B 81 1.49 -39.45 0.61
C SER B 81 1.39 -40.81 1.30
N CYS B 82 0.41 -41.63 0.87
CA CYS B 82 0.11 -42.90 1.53
C CYS B 82 0.61 -44.08 0.68
N ASN B 83 0.91 -45.21 1.33
CA ASN B 83 1.29 -46.42 0.62
C ASN B 83 0.09 -46.94 -0.17
N PRO B 84 0.28 -47.32 -1.45
CA PRO B 84 -0.82 -47.91 -2.24
C PRO B 84 -1.55 -49.08 -1.59
N ASN B 85 -0.87 -49.80 -0.69
CA ASN B 85 -1.44 -50.96 -0.03
C ASN B 85 -1.83 -50.61 1.41
N SER B 86 -2.45 -49.44 1.59
CA SER B 86 -2.78 -48.94 2.91
C SER B 86 -4.17 -49.43 3.32
N MET B 87 -5.14 -49.28 2.42
N MET B 87 -5.15 -49.27 2.43
CA MET B 87 -6.55 -49.53 2.71
CA MET B 87 -6.55 -49.52 2.72
C MET B 87 -6.94 -50.94 2.29
C MET B 87 -6.93 -50.94 2.29
N GLY B 88 -8.02 -51.47 2.87
CA GLY B 88 -8.56 -52.76 2.48
C GLY B 88 -8.33 -53.84 3.54
N PRO B 89 -8.99 -55.02 3.42
CA PRO B 89 -8.84 -56.12 4.37
C PRO B 89 -7.41 -56.65 4.51
N GLN B 90 -6.63 -56.56 3.42
CA GLN B 90 -5.25 -57.00 3.42
C GLN B 90 -4.32 -55.78 3.45
N GLY B 91 -4.87 -54.63 3.85
CA GLY B 91 -4.13 -53.38 3.86
C GLY B 91 -3.21 -53.27 5.09
N ARG B 92 -2.25 -52.35 5.02
CA ARG B 92 -1.25 -52.15 6.07
C ARG B 92 -1.87 -51.41 7.25
N TRP B 93 -2.79 -50.48 6.97
CA TRP B 93 -3.42 -49.69 8.02
C TRP B 93 -4.37 -50.58 8.84
N ALA B 94 -4.29 -50.47 10.17
CA ALA B 94 -5.24 -51.13 11.05
C ALA B 94 -6.66 -50.68 10.70
N GLU B 95 -7.65 -51.53 11.00
CA GLU B 95 -9.03 -51.29 10.59
C GLU B 95 -9.53 -50.01 11.26
N SER B 96 -9.14 -49.83 12.53
CA SER B 96 -9.48 -48.63 13.28
C SER B 96 -9.05 -47.39 12.51
N THR B 97 -7.82 -47.40 12.00
CA THR B 97 -7.24 -46.26 11.30
C THR B 97 -7.99 -46.03 9.99
N GLN B 98 -8.38 -47.14 9.33
CA GLN B 98 -9.09 -47.07 8.06
C GLN B 98 -10.47 -46.43 8.25
N GLN B 99 -11.07 -46.67 9.41
CA GLN B 99 -12.42 -46.20 9.70
C GLN B 99 -12.39 -44.74 10.13
N MET B 100 -11.29 -44.33 10.77
CA MET B 100 -11.16 -42.98 11.31
C MET B 100 -10.52 -42.04 10.30
N PHE B 101 -9.64 -42.58 9.44
CA PHE B 101 -8.87 -41.76 8.51
C PHE B 101 -8.88 -42.37 7.12
N PRO B 102 -10.06 -42.64 6.52
CA PRO B 102 -10.13 -43.31 5.22
C PRO B 102 -9.42 -42.55 4.09
N TRP B 103 -8.59 -43.28 3.34
CA TRP B 103 -7.96 -42.75 2.14
C TRP B 103 -8.67 -43.33 0.91
N THR B 104 -9.05 -42.46 -0.03
CA THR B 104 -9.58 -42.91 -1.31
C THR B 104 -8.75 -42.29 -2.43
N ALA B 105 -8.33 -43.14 -3.36
CA ALA B 105 -7.46 -42.73 -4.45
C ALA B 105 -7.68 -43.64 -5.65
N THR B 106 -7.76 -43.03 -6.84
CA THR B 106 -7.70 -43.78 -8.09
C THR B 106 -6.24 -44.11 -8.35
N GLU B 107 -5.98 -45.06 -9.26
CA GLU B 107 -4.62 -45.54 -9.49
C GLU B 107 -3.74 -44.39 -9.98
N GLU B 108 -4.35 -43.43 -10.69
CA GLU B 108 -3.60 -42.31 -11.25
C GLU B 108 -3.08 -41.42 -10.11
N CYS B 109 -3.63 -41.62 -8.90
CA CYS B 109 -3.30 -40.78 -7.76
C CYS B 109 -2.10 -41.32 -6.99
N TYR B 110 -1.81 -42.63 -7.14
CA TYR B 110 -0.66 -43.24 -6.49
C TYR B 110 0.60 -42.46 -6.88
N LEU B 111 1.48 -42.20 -5.91
CA LEU B 111 2.66 -41.38 -6.12
C LEU B 111 3.51 -41.92 -7.26
N HIS B 112 3.68 -43.25 -7.32
CA HIS B 112 4.57 -43.86 -8.29
C HIS B 112 4.04 -43.61 -9.69
N ASN B 113 2.70 -43.51 -9.81
CA ASN B 113 2.05 -43.27 -11.09
C ASN B 113 2.19 -41.79 -11.47
N ARG B 114 2.00 -40.89 -10.50
CA ARG B 114 2.11 -39.46 -10.74
C ARG B 114 3.51 -39.13 -11.27
N LEU B 115 4.53 -39.74 -10.63
CA LEU B 115 5.92 -39.55 -11.04
C LEU B 115 6.13 -40.12 -12.44
N GLU B 116 5.57 -41.30 -12.69
CA GLU B 116 5.69 -41.97 -13.96
C GLU B 116 5.15 -41.06 -15.07
N GLN B 117 3.99 -40.44 -14.81
CA GLN B 117 3.33 -39.55 -15.75
C GLN B 117 4.26 -38.38 -16.08
N LEU B 118 5.28 -38.16 -15.24
CA LEU B 118 6.22 -37.07 -15.43
C LEU B 118 7.54 -37.59 -15.97
N LYS B 119 7.61 -38.91 -16.18
CA LYS B 119 8.82 -39.56 -16.67
C LYS B 119 9.92 -39.45 -15.60
N VAL B 120 9.51 -39.64 -14.34
CA VAL B 120 10.42 -39.62 -13.21
C VAL B 120 10.28 -40.95 -12.47
N ARG B 121 11.36 -41.73 -12.41
N ARG B 121 11.38 -41.71 -12.42
CA ARG B 121 11.36 -42.98 -11.68
CA ARG B 121 11.43 -42.96 -11.68
C ARG B 121 11.85 -42.71 -10.26
C ARG B 121 11.82 -42.67 -10.23
N PRO B 122 11.37 -43.48 -9.25
CA PRO B 122 11.79 -43.28 -7.86
C PRO B 122 13.31 -43.20 -7.72
N GLU B 123 14.02 -43.92 -8.58
N GLU B 123 14.02 -43.92 -8.58
CA GLU B 123 15.47 -44.02 -8.51
CA GLU B 123 15.47 -44.02 -8.51
C GLU B 123 16.10 -42.67 -8.89
C GLU B 123 16.09 -42.67 -8.87
N ASP B 124 15.28 -41.77 -9.47
CA ASP B 124 15.78 -40.49 -9.96
C ASP B 124 15.73 -39.42 -8.86
N ILE B 125 15.11 -39.74 -7.74
CA ILE B 125 14.95 -38.78 -6.65
C ILE B 125 16.24 -38.75 -5.82
N ARG B 126 16.79 -37.54 -5.65
CA ARG B 126 18.03 -37.36 -4.92
C ARG B 126 17.74 -37.18 -3.43
N TYR B 127 16.71 -36.38 -3.13
CA TYR B 127 16.36 -36.07 -1.75
C TYR B 127 14.84 -36.23 -1.54
N VAL B 128 14.48 -36.85 -0.41
CA VAL B 128 13.10 -36.85 0.07
C VAL B 128 13.08 -36.12 1.41
N VAL B 129 12.28 -35.06 1.50
CA VAL B 129 12.06 -34.36 2.76
C VAL B 129 10.75 -34.86 3.36
N ALA B 130 10.86 -35.57 4.50
CA ALA B 130 9.70 -36.06 5.24
C ALA B 130 9.28 -35.01 6.27
N SER B 131 8.17 -34.31 5.99
CA SER B 131 7.69 -33.26 6.88
C SER B 131 7.48 -33.84 8.28
N HIS B 132 6.96 -35.06 8.31
CA HIS B 132 6.84 -35.88 9.52
C HIS B 132 6.54 -37.31 9.05
N LEU B 133 6.32 -38.24 9.98
CA LEU B 133 6.25 -39.65 9.61
C LEU B 133 4.83 -40.20 9.82
N HIS B 134 3.83 -39.32 9.74
CA HIS B 134 2.44 -39.71 9.78
C HIS B 134 2.08 -40.53 8.53
N LEU B 135 0.95 -41.24 8.62
CA LEU B 135 0.61 -42.29 7.66
C LEU B 135 0.47 -41.72 6.25
N ASN B 136 0.00 -40.48 6.12
CA ASN B 136 -0.33 -39.91 4.82
C ASN B 136 0.76 -38.96 4.34
N HIS B 137 1.96 -39.06 4.92
CA HIS B 137 3.10 -38.25 4.47
C HIS B 137 4.32 -39.12 4.19
N ALA B 138 4.44 -40.26 4.86
CA ALA B 138 5.63 -41.10 4.79
C ALA B 138 5.30 -42.46 4.16
N GLY B 139 4.12 -42.56 3.56
CA GLY B 139 3.61 -43.82 3.03
C GLY B 139 4.53 -44.48 1.99
N CYS B 140 5.24 -43.68 1.20
CA CYS B 140 5.96 -44.21 0.04
C CYS B 140 7.47 -43.97 0.14
N LEU B 141 7.97 -43.77 1.37
CA LEU B 141 9.40 -43.57 1.58
C LEU B 141 10.19 -44.73 0.99
N GLU B 142 9.66 -45.96 1.14
CA GLU B 142 10.39 -47.17 0.81
C GLU B 142 10.79 -47.21 -0.67
N MET B 143 10.09 -46.42 -1.50
CA MET B 143 10.30 -46.42 -2.94
C MET B 143 11.63 -45.77 -3.30
N PHE B 144 12.13 -44.90 -2.43
CA PHE B 144 13.22 -44.00 -2.78
C PHE B 144 14.53 -44.53 -2.20
N THR B 145 15.06 -45.59 -2.83
CA THR B 145 16.22 -46.32 -2.32
C THR B 145 17.52 -45.68 -2.81
N ASN B 146 17.41 -44.67 -3.70
CA ASN B 146 18.59 -43.97 -4.21
C ASN B 146 18.71 -42.59 -3.55
N ALA B 147 17.74 -42.25 -2.69
CA ALA B 147 17.64 -40.90 -2.16
C ALA B 147 18.19 -40.84 -0.73
N THR B 148 18.60 -39.62 -0.33
CA THR B 148 18.83 -39.31 1.07
C THR B 148 17.49 -38.86 1.66
N ILE B 149 17.04 -39.57 2.71
CA ILE B 149 15.76 -39.28 3.35
C ILE B 149 16.01 -38.32 4.51
N ILE B 150 15.49 -37.09 4.39
CA ILE B 150 15.69 -36.07 5.40
C ILE B 150 14.45 -36.03 6.29
N VAL B 151 14.69 -36.19 7.60
CA VAL B 151 13.62 -36.27 8.59
C VAL B 151 14.15 -35.69 9.91
N HIS B 152 13.25 -35.11 10.70
CA HIS B 152 13.62 -34.59 12.02
C HIS B 152 13.95 -35.77 12.93
N GLU B 153 15.04 -35.65 13.69
CA GLU B 153 15.54 -36.78 14.47
C GLU B 153 14.52 -37.19 15.54
N ASP B 154 13.76 -36.20 16.06
CA ASP B 154 12.79 -36.48 17.09
C ASP B 154 11.60 -37.25 16.50
N GLU B 155 11.24 -36.93 15.24
CA GLU B 155 10.17 -37.63 14.56
C GLU B 155 10.60 -39.07 14.30
N PHE B 156 11.85 -39.21 13.81
CA PHE B 156 12.44 -40.51 13.50
C PHE B 156 12.44 -41.38 14.76
N ASN B 157 12.92 -40.81 15.88
CA ASN B 157 13.02 -41.54 17.14
C ASN B 157 11.64 -42.02 17.58
N GLY B 158 10.65 -41.12 17.53
CA GLY B 158 9.29 -41.43 17.96
C GLY B 158 8.67 -42.58 17.17
N ALA B 159 8.83 -42.53 15.84
CA ALA B 159 8.27 -43.54 14.96
C ALA B 159 8.95 -44.89 15.21
N LEU B 160 10.27 -44.85 15.42
CA LEU B 160 11.05 -46.06 15.68
C LEU B 160 10.60 -46.70 16.98
N GLN B 161 10.19 -45.88 17.96
CA GLN B 161 9.72 -46.40 19.24
C GLN B 161 8.38 -47.11 19.05
N CYS B 162 7.50 -46.52 18.23
CA CYS B 162 6.22 -47.14 17.93
C CYS B 162 6.46 -48.54 17.36
N TYR B 163 7.45 -48.64 16.46
CA TYR B 163 7.81 -49.89 15.82
C TYR B 163 8.30 -50.90 16.85
N ALA B 164 9.26 -50.46 17.68
CA ALA B 164 9.88 -51.32 18.66
C ALA B 164 8.86 -51.79 19.70
N ARG B 165 7.86 -50.94 19.95
CA ARG B 165 6.83 -51.22 20.94
C ARG B 165 5.67 -51.98 20.31
N ASN B 166 5.80 -52.28 19.00
CA ASN B 166 4.81 -53.06 18.27
C ASN B 166 3.43 -52.41 18.40
N GLN B 167 3.37 -51.09 18.21
CA GLN B 167 2.11 -50.37 18.14
C GLN B 167 1.53 -50.52 16.74
N LYS B 168 0.36 -51.16 16.64
CA LYS B 168 -0.21 -51.52 15.36
C LYS B 168 -1.39 -50.60 15.02
N GLU B 169 -1.62 -49.57 15.86
CA GLU B 169 -2.67 -48.61 15.64
C GLU B 169 -2.12 -47.19 15.81
N GLY B 170 -2.91 -46.18 15.42
CA GLY B 170 -2.47 -44.80 15.46
C GLY B 170 -1.98 -44.33 14.09
N ALA B 171 -1.32 -43.15 14.06
CA ALA B 171 -1.01 -42.48 12.81
C ALA B 171 0.36 -42.88 12.28
N TYR B 172 1.06 -43.75 13.02
CA TYR B 172 2.35 -44.27 12.59
C TYR B 172 2.19 -45.74 12.20
N ILE B 173 2.41 -46.03 10.91
CA ILE B 173 2.06 -47.32 10.32
C ILE B 173 3.22 -48.29 10.49
N TRP B 174 3.00 -49.34 11.30
CA TRP B 174 4.04 -50.32 11.64
C TRP B 174 4.61 -50.95 10.37
N ALA B 175 3.72 -51.28 9.43
CA ALA B 175 4.12 -51.99 8.21
C ALA B 175 4.94 -51.08 7.31
N ASP B 176 4.64 -49.77 7.34
CA ASP B 176 5.40 -48.80 6.56
C ASP B 176 6.83 -48.71 7.10
N ILE B 177 6.97 -48.64 8.43
CA ILE B 177 8.27 -48.50 9.06
C ILE B 177 9.09 -49.76 8.80
N ASP B 178 8.42 -50.91 8.88
CA ASP B 178 9.05 -52.20 8.59
C ASP B 178 9.72 -52.15 7.23
N ALA B 179 8.99 -51.61 6.24
CA ALA B 179 9.46 -51.55 4.86
C ALA B 179 10.64 -50.59 4.72
N TRP B 180 10.58 -49.46 5.44
CA TRP B 180 11.65 -48.47 5.37
C TRP B 180 12.98 -49.13 5.75
N ILE B 181 12.96 -49.93 6.82
CA ILE B 181 14.16 -50.55 7.36
C ILE B 181 14.63 -51.67 6.42
N LYS B 182 13.67 -52.48 5.94
CA LYS B 182 13.98 -53.60 5.08
C LYS B 182 14.61 -53.12 3.77
N ASN B 183 14.20 -51.92 3.32
CA ASN B 183 14.65 -51.40 2.04
C ASN B 183 15.93 -50.59 2.20
N ASN B 184 16.50 -50.59 3.42
CA ASN B 184 17.80 -49.99 3.69
C ASN B 184 17.85 -48.55 3.17
N LEU B 185 16.88 -47.71 3.58
CA LEU B 185 16.86 -46.31 3.17
C LEU B 185 18.06 -45.57 3.78
N GLN B 186 18.51 -44.52 3.09
N GLN B 186 18.50 -44.51 3.10
CA GLN B 186 19.58 -43.67 3.59
CA GLN B 186 19.58 -43.67 3.59
C GLN B 186 18.97 -42.47 4.32
C GLN B 186 19.00 -42.46 4.32
N TRP B 187 19.19 -42.42 5.64
CA TRP B 187 18.60 -41.39 6.48
C TRP B 187 19.59 -40.26 6.76
N ARG B 188 19.06 -39.03 6.75
CA ARG B 188 19.77 -37.86 7.24
C ARG B 188 18.84 -37.15 8.22
N THR B 189 19.14 -37.28 9.53
CA THR B 189 18.27 -36.71 10.55
C THR B 189 18.64 -35.24 10.76
N VAL B 190 17.59 -34.40 10.85
CA VAL B 190 17.75 -33.01 11.24
C VAL B 190 17.77 -32.96 12.77
N LYS B 191 18.88 -32.50 13.34
CA LYS B 191 19.06 -32.50 14.78
C LYS B 191 18.12 -31.47 15.41
N ARG B 192 17.80 -31.66 16.69
CA ARG B 192 16.80 -30.86 17.37
C ARG B 192 17.15 -29.37 17.29
N HIS B 193 18.44 -29.03 17.43
CA HIS B 193 18.82 -27.63 17.48
C HIS B 193 19.56 -27.22 16.20
N GLU B 194 19.32 -27.97 15.11
CA GLU B 194 20.02 -27.73 13.86
C GLU B 194 19.37 -26.58 13.10
N ASP B 195 20.20 -25.73 12.49
CA ASP B 195 19.74 -24.62 11.66
C ASP B 195 19.16 -25.17 10.37
N ASN B 196 18.45 -24.31 9.63
CA ASN B 196 17.88 -24.67 8.35
C ASN B 196 18.98 -25.23 7.45
N ILE B 197 18.59 -26.07 6.48
CA ILE B 197 19.54 -26.72 5.60
C ILE B 197 19.32 -26.21 4.17
N LEU B 198 20.37 -25.63 3.58
CA LEU B 198 20.35 -25.26 2.18
C LEU B 198 20.55 -26.53 1.36
N LEU B 199 19.46 -27.08 0.84
CA LEU B 199 19.48 -28.37 0.16
C LEU B 199 19.93 -28.16 -1.28
N ALA B 200 19.55 -27.02 -1.86
CA ALA B 200 19.92 -26.65 -3.22
C ALA B 200 19.69 -25.14 -3.39
N GLU B 201 20.20 -24.58 -4.49
CA GLU B 201 20.00 -23.16 -4.77
C GLU B 201 18.49 -22.86 -4.68
N GLY B 202 18.12 -22.05 -3.68
CA GLY B 202 16.76 -21.60 -3.52
C GLY B 202 15.86 -22.60 -2.79
N VAL B 203 16.45 -23.67 -2.24
CA VAL B 203 15.69 -24.71 -1.54
C VAL B 203 16.27 -24.92 -0.15
N LYS B 204 15.47 -24.59 0.87
CA LYS B 204 15.91 -24.68 2.27
C LYS B 204 14.93 -25.55 3.06
N VAL B 205 15.48 -26.52 3.81
CA VAL B 205 14.71 -27.29 4.77
C VAL B 205 14.60 -26.47 6.06
N LEU B 206 13.36 -26.21 6.49
CA LEU B 206 13.09 -25.44 7.69
C LEU B 206 12.87 -26.41 8.86
N ASN B 207 13.60 -26.20 9.95
CA ASN B 207 13.51 -27.03 11.15
C ASN B 207 12.46 -26.45 12.08
N PHE B 208 11.23 -26.97 12.02
CA PHE B 208 10.10 -26.42 12.76
C PHE B 208 10.07 -26.98 14.18
N GLY B 209 10.69 -28.15 14.39
CA GLY B 209 10.73 -28.77 15.70
C GLY B 209 9.37 -29.36 16.10
N SER B 210 9.17 -29.50 17.43
CA SER B 210 8.00 -30.16 17.97
C SER B 210 6.76 -29.27 17.85
N GLY B 211 5.61 -29.89 17.58
CA GLY B 211 4.34 -29.18 17.47
C GLY B 211 3.20 -30.15 17.20
N HIS B 212 2.71 -30.14 15.95
CA HIS B 212 1.72 -31.11 15.50
C HIS B 212 2.21 -32.53 15.83
N ALA B 213 3.49 -32.77 15.57
CA ALA B 213 4.12 -34.05 15.86
C ALA B 213 5.45 -33.82 16.57
N TRP B 214 6.24 -34.89 16.75
CA TRP B 214 7.50 -34.83 17.49
C TRP B 214 8.50 -33.90 16.80
N GLY B 215 8.58 -33.99 15.47
CA GLY B 215 9.56 -33.22 14.71
C GLY B 215 9.06 -32.87 13.32
N MET B 216 8.79 -31.58 13.10
CA MET B 216 8.20 -31.08 11.86
C MET B 216 9.27 -30.42 10.99
N LEU B 217 9.28 -30.75 9.70
CA LEU B 217 10.15 -30.11 8.73
C LEU B 217 9.28 -29.36 7.71
N GLY B 218 9.71 -28.15 7.35
CA GLY B 218 9.10 -27.39 6.27
C GLY B 218 10.10 -27.18 5.13
N LEU B 219 9.64 -26.52 4.06
CA LEU B 219 10.50 -26.17 2.95
C LEU B 219 10.24 -24.72 2.54
N HIS B 220 11.32 -23.97 2.29
CA HIS B 220 11.20 -22.68 1.60
C HIS B 220 11.82 -22.80 0.23
N VAL B 221 11.02 -22.52 -0.80
CA VAL B 221 11.50 -22.55 -2.18
C VAL B 221 11.46 -21.13 -2.76
N GLU B 222 12.59 -20.71 -3.33
CA GLU B 222 12.66 -19.46 -4.07
C GLU B 222 12.73 -19.79 -5.57
N LEU B 223 11.61 -19.60 -6.27
CA LEU B 223 11.52 -19.86 -7.70
C LEU B 223 11.76 -18.56 -8.48
N PRO B 224 12.62 -18.58 -9.52
CA PRO B 224 12.85 -17.38 -10.34
C PRO B 224 11.60 -16.60 -10.71
N GLU B 225 10.58 -17.28 -11.25
CA GLU B 225 9.38 -16.62 -11.76
C GLU B 225 8.37 -16.43 -10.63
N THR B 226 8.09 -17.50 -9.88
CA THR B 226 6.97 -17.55 -8.97
C THR B 226 7.31 -16.83 -7.66
N GLY B 227 8.60 -16.83 -7.30
CA GLY B 227 9.03 -16.25 -6.03
C GLY B 227 8.96 -17.26 -4.90
N GLY B 228 8.65 -16.77 -3.69
CA GLY B 228 8.82 -17.55 -2.46
C GLY B 228 7.60 -18.42 -2.14
N ILE B 229 7.88 -19.68 -1.79
CA ILE B 229 6.85 -20.62 -1.35
C ILE B 229 7.32 -21.31 -0.07
N ILE B 230 6.44 -21.34 0.94
CA ILE B 230 6.67 -22.11 2.15
C ILE B 230 5.75 -23.32 2.16
N LEU B 231 6.33 -24.52 2.16
CA LEU B 231 5.58 -25.75 2.35
C LEU B 231 5.48 -26.03 3.85
N ALA B 232 4.28 -25.86 4.41
CA ALA B 232 4.06 -25.94 5.85
C ALA B 232 3.71 -27.36 6.28
N SER B 233 3.15 -28.15 5.35
CA SER B 233 2.58 -29.44 5.68
C SER B 233 1.64 -29.29 6.88
N ASP B 234 1.71 -30.24 7.83
CA ASP B 234 0.76 -30.33 8.92
C ASP B 234 1.12 -29.36 10.05
N ALA B 235 2.12 -28.49 9.81
CA ALA B 235 2.37 -27.38 10.72
C ALA B 235 1.18 -26.42 10.66
N ILE B 236 0.53 -26.37 9.49
CA ILE B 236 -0.69 -25.60 9.31
C ILE B 236 -1.61 -26.35 8.34
N TYR B 237 -2.65 -26.99 8.89
CA TYR B 237 -3.59 -27.78 8.11
C TYR B 237 -4.24 -26.94 7.00
N THR B 238 -4.84 -25.80 7.38
CA THR B 238 -5.68 -25.02 6.46
C THR B 238 -5.57 -23.53 6.75
N ALA B 239 -6.23 -22.72 5.90
CA ALA B 239 -6.34 -21.29 6.09
C ALA B 239 -7.01 -21.00 7.43
N GLU B 240 -7.95 -21.87 7.82
CA GLU B 240 -8.72 -21.70 9.04
C GLU B 240 -7.79 -21.86 10.25
N SER B 241 -6.89 -22.85 10.17
CA SER B 241 -5.86 -23.05 11.18
C SER B 241 -5.06 -21.75 11.35
N TYR B 242 -4.72 -21.14 10.21
CA TYR B 242 -3.75 -20.07 10.14
C TYR B 242 -4.32 -18.77 10.70
N GLY B 243 -5.63 -18.53 10.48
CA GLY B 243 -6.25 -17.29 10.89
C GLY B 243 -5.51 -16.08 10.33
N PRO B 244 -5.15 -15.09 11.17
CA PRO B 244 -5.37 -15.15 12.62
C PRO B 244 -6.83 -14.97 13.04
N PRO B 245 -7.20 -15.33 14.29
CA PRO B 245 -6.27 -16.02 15.19
C PRO B 245 -6.06 -17.49 14.82
N ILE B 246 -5.01 -18.11 15.38
CA ILE B 246 -4.72 -19.51 15.15
C ILE B 246 -5.85 -20.36 15.72
N LYS B 247 -6.30 -21.35 14.94
CA LYS B 247 -7.19 -22.40 15.44
C LYS B 247 -6.44 -23.72 15.42
N PRO B 248 -5.92 -24.21 16.57
CA PRO B 248 -5.11 -25.44 16.61
C PRO B 248 -5.88 -26.73 16.36
N PRO B 249 -5.18 -27.82 15.94
CA PRO B 249 -5.80 -29.13 15.71
C PRO B 249 -6.00 -29.98 16.95
N GLY B 250 -6.76 -31.08 16.78
CA GLY B 250 -6.89 -32.11 17.80
C GLY B 250 -5.70 -33.07 17.80
N ILE B 251 -5.18 -33.38 16.60
CA ILE B 251 -3.96 -34.16 16.46
C ILE B 251 -2.77 -33.23 16.73
N ILE B 252 -2.22 -33.32 17.94
CA ILE B 252 -1.19 -32.39 18.39
C ILE B 252 -0.34 -33.04 19.49
N TYR B 253 0.95 -32.69 19.53
CA TYR B 253 1.89 -33.26 20.48
C TYR B 253 2.33 -32.18 21.47
N ASP B 254 2.83 -31.07 20.92
CA ASP B 254 3.38 -29.97 21.71
C ASP B 254 2.65 -28.70 21.32
N SER B 255 1.65 -28.31 22.13
CA SER B 255 0.75 -27.22 21.81
C SER B 255 1.52 -25.89 21.70
N LEU B 256 2.44 -25.66 22.64
CA LEU B 256 3.21 -24.43 22.66
C LEU B 256 4.05 -24.35 21.39
N GLY B 257 4.77 -25.44 21.08
CA GLY B 257 5.62 -25.51 19.91
C GLY B 257 4.80 -25.32 18.63
N TYR B 258 3.58 -25.85 18.62
CA TYR B 258 2.69 -25.74 17.48
C TYR B 258 2.42 -24.26 17.21
N MET B 259 2.05 -23.52 18.26
CA MET B 259 1.67 -22.12 18.14
C MET B 259 2.88 -21.30 17.69
N ASN B 260 4.04 -21.60 18.28
CA ASN B 260 5.27 -20.89 17.96
C ASN B 260 5.58 -21.09 16.46
N THR B 261 5.37 -22.31 15.96
CA THR B 261 5.73 -22.66 14.60
C THR B 261 4.85 -21.87 13.63
N VAL B 262 3.54 -21.80 13.91
CA VAL B 262 2.62 -21.10 13.03
C VAL B 262 3.05 -19.63 12.93
N GLU B 263 3.37 -19.03 14.08
CA GLU B 263 3.73 -17.62 14.13
C GLU B 263 5.08 -17.41 13.46
N ARG B 264 5.95 -18.42 13.55
CA ARG B 264 7.26 -18.34 12.92
C ARG B 264 7.08 -18.34 11.40
N ILE B 265 6.21 -19.22 10.92
CA ILE B 265 5.88 -19.30 9.50
C ILE B 265 5.29 -17.97 9.04
N ARG B 266 4.38 -17.39 9.84
CA ARG B 266 3.75 -16.13 9.49
C ARG B 266 4.84 -15.09 9.25
N ARG B 267 5.81 -15.01 10.15
CA ARG B 267 6.87 -14.01 10.07
C ARG B 267 7.70 -14.24 8.80
N ILE B 268 8.13 -15.49 8.57
CA ILE B 268 8.98 -15.81 7.44
C ILE B 268 8.25 -15.46 6.14
N ALA B 269 6.95 -15.76 6.08
CA ALA B 269 6.13 -15.45 4.93
C ALA B 269 6.20 -13.96 4.61
N GLN B 270 6.08 -13.13 5.65
CA GLN B 270 6.04 -11.68 5.50
C GLN B 270 7.40 -11.15 5.10
N GLU B 271 8.46 -11.63 5.77
CA GLU B 271 9.80 -11.11 5.58
C GLU B 271 10.36 -11.53 4.22
N THR B 272 9.92 -12.69 3.72
CA THR B 272 10.43 -13.24 2.47
C THR B 272 9.42 -13.02 1.34
N LYS B 273 8.26 -12.45 1.67
CA LYS B 273 7.19 -12.26 0.70
C LYS B 273 6.85 -13.59 0.04
N SER B 274 6.62 -14.62 0.85
CA SER B 274 6.34 -15.96 0.35
C SER B 274 4.87 -16.31 0.53
N GLN B 275 4.35 -17.12 -0.40
CA GLN B 275 3.08 -17.80 -0.22
C GLN B 275 3.27 -18.92 0.80
N VAL B 276 2.21 -19.21 1.56
CA VAL B 276 2.20 -20.35 2.47
C VAL B 276 1.26 -21.42 1.89
N TRP B 277 1.82 -22.61 1.63
CA TRP B 277 1.02 -23.73 1.17
C TRP B 277 0.71 -24.65 2.36
N PHE B 278 -0.57 -24.70 2.72
CA PHE B 278 -1.03 -25.44 3.88
C PHE B 278 -0.97 -26.94 3.59
N GLY B 279 -1.06 -27.73 4.66
CA GLY B 279 -0.99 -29.19 4.55
C GLY B 279 -2.12 -29.75 3.70
N HIS B 280 -3.36 -29.26 3.89
CA HIS B 280 -4.53 -29.85 3.28
CA HIS B 280 -4.49 -29.80 3.15
C HIS B 280 -5.68 -28.84 3.18
N ASP B 281 -5.47 -27.66 2.59
CA ASP B 281 -6.54 -26.69 2.40
C ASP B 281 -7.21 -26.95 1.05
N ALA B 282 -8.48 -27.38 1.08
CA ALA B 282 -9.16 -27.86 -0.10
C ALA B 282 -9.28 -26.75 -1.16
N GLU B 283 -9.59 -25.54 -0.72
CA GLU B 283 -9.83 -24.43 -1.64
C GLU B 283 -8.50 -24.00 -2.27
N GLN B 284 -7.42 -24.07 -1.49
CA GLN B 284 -6.09 -23.72 -1.97
C GLN B 284 -5.61 -24.78 -2.97
N PHE B 285 -5.81 -26.06 -2.63
CA PHE B 285 -5.37 -27.15 -3.48
C PHE B 285 -6.08 -27.06 -4.83
N LYS B 286 -7.37 -26.71 -4.80
CA LYS B 286 -8.16 -26.58 -6.02
C LYS B 286 -7.50 -25.58 -6.96
N LYS B 287 -6.95 -24.49 -6.39
CA LYS B 287 -6.39 -23.40 -7.17
C LYS B 287 -5.00 -23.74 -7.70
N PHE B 288 -4.35 -24.75 -7.11
CA PHE B 288 -3.00 -25.12 -7.54
C PHE B 288 -3.01 -25.61 -8.98
N ARG B 289 -1.93 -25.34 -9.70
N ARG B 289 -1.92 -25.34 -9.70
CA ARG B 289 -1.68 -25.97 -10.99
CA ARG B 289 -1.66 -25.97 -10.99
C ARG B 289 -1.04 -27.33 -10.71
C ARG B 289 -1.02 -27.33 -10.74
N LYS B 290 -1.75 -28.41 -11.05
CA LYS B 290 -1.32 -29.76 -10.71
C LYS B 290 -0.44 -30.34 -11.80
N SER B 291 0.10 -31.55 -11.53
CA SER B 291 1.10 -32.20 -12.36
C SER B 291 0.52 -32.52 -13.74
N THR B 292 -0.81 -32.62 -13.84
CA THR B 292 -1.46 -32.99 -15.09
C THR B 292 -1.61 -31.76 -16.00
N GLU B 293 -1.32 -30.56 -15.47
CA GLU B 293 -1.51 -29.33 -16.22
C GLU B 293 -0.21 -28.55 -16.34
N GLY B 294 0.72 -28.75 -15.40
CA GLY B 294 2.02 -28.09 -15.48
C GLY B 294 2.70 -27.93 -14.12
N TYR B 295 3.35 -26.77 -13.94
CA TYR B 295 4.30 -26.58 -12.87
C TYR B 295 4.51 -25.09 -12.60
N TYR B 296 5.41 -24.80 -11.64
CA TYR B 296 5.79 -23.45 -11.26
C TYR B 296 7.28 -23.26 -11.52
N GLU B 297 7.64 -22.17 -12.19
N GLU B 297 7.64 -22.17 -12.21
CA GLU B 297 9.04 -21.84 -12.44
CA GLU B 297 9.02 -21.82 -12.46
C GLU B 297 9.40 -20.54 -11.70
C GLU B 297 9.44 -20.70 -11.50
N ALA C 22 -20.47 46.97 -44.70
CA ALA C 22 -21.13 46.94 -46.03
C ALA C 22 -20.25 46.22 -47.05
N ARG C 23 -18.93 46.18 -46.78
CA ARG C 23 -17.98 45.54 -47.68
C ARG C 23 -16.79 45.04 -46.87
N PRO C 24 -17.01 44.03 -45.99
CA PRO C 24 -15.96 43.48 -45.12
C PRO C 24 -15.02 42.48 -45.78
N LYS C 25 -13.94 42.13 -45.06
CA LYS C 25 -13.04 41.04 -45.42
C LYS C 25 -12.94 40.06 -44.26
N LEU C 26 -13.28 38.78 -44.51
CA LEU C 26 -13.24 37.74 -43.49
C LEU C 26 -11.98 36.89 -43.69
N TYR C 27 -11.19 36.73 -42.61
CA TYR C 27 -9.92 36.01 -42.65
C TYR C 27 -10.01 34.76 -41.78
N VAL C 28 -9.42 33.65 -42.27
CA VAL C 28 -9.24 32.43 -41.50
C VAL C 28 -7.76 32.35 -41.10
N MET C 29 -7.49 32.26 -39.79
CA MET C 29 -6.13 32.28 -39.27
C MET C 29 -5.79 30.91 -38.67
N ASP C 30 -4.70 30.32 -39.17
CA ASP C 30 -4.24 29.01 -38.74
C ASP C 30 -3.45 29.14 -37.43
N ASN C 31 -3.99 28.56 -36.35
CA ASN C 31 -3.40 28.69 -35.03
C ASN C 31 -2.89 27.34 -34.53
N GLY C 32 -2.48 26.47 -35.45
CA GLY C 32 -1.79 25.24 -35.10
C GLY C 32 -2.71 24.02 -35.08
N ARG C 33 -2.23 22.93 -34.45
CA ARG C 33 -2.92 21.65 -34.46
C ARG C 33 -3.03 21.11 -33.03
N MET C 34 -4.07 20.32 -32.79
CA MET C 34 -4.23 19.62 -31.52
C MET C 34 -4.48 18.14 -31.80
N ARG C 35 -4.16 17.28 -30.83
CA ARG C 35 -4.42 15.85 -30.91
C ARG C 35 -5.26 15.42 -29.70
N MET C 36 -6.20 14.49 -29.91
CA MET C 36 -6.93 13.90 -28.80
C MET C 36 -7.62 12.61 -29.23
N ASP C 37 -8.02 11.82 -28.23
CA ASP C 37 -8.76 10.58 -28.41
C ASP C 37 -9.99 10.86 -29.26
N LYS C 38 -10.22 10.04 -30.29
CA LYS C 38 -11.30 10.29 -31.23
C LYS C 38 -12.65 10.14 -30.51
N ASN C 39 -12.63 9.45 -29.37
CA ASN C 39 -13.85 9.23 -28.59
C ASN C 39 -14.33 10.55 -27.99
N TRP C 40 -13.41 11.48 -27.73
CA TRP C 40 -13.79 12.83 -27.33
C TRP C 40 -14.60 13.48 -28.45
N MET C 41 -14.13 13.28 -29.70
CA MET C 41 -14.67 13.96 -30.86
C MET C 41 -15.97 13.30 -31.30
N ILE C 42 -15.94 11.97 -31.42
CA ILE C 42 -17.11 11.18 -31.81
C ILE C 42 -17.34 10.11 -30.74
N ALA C 43 -18.42 10.27 -29.98
CA ALA C 43 -18.75 9.37 -28.88
C ALA C 43 -18.83 7.92 -29.37
N MET C 44 -18.15 7.02 -28.67
CA MET C 44 -18.25 5.59 -28.90
C MET C 44 -18.14 5.29 -30.39
N HIS C 45 -17.10 5.82 -31.04
CA HIS C 45 -16.97 5.72 -32.49
C HIS C 45 -16.68 4.27 -32.90
N ASN C 46 -15.96 3.53 -32.05
CA ASN C 46 -15.53 2.17 -32.37
C ASN C 46 -15.74 1.26 -31.16
N PRO C 47 -16.98 0.83 -30.85
CA PRO C 47 -17.26 -0.02 -29.69
C PRO C 47 -16.69 -1.44 -29.81
N ALA C 48 -16.20 -1.97 -28.69
CA ALA C 48 -15.73 -3.34 -28.60
C ALA C 48 -16.89 -4.32 -28.81
N THR C 49 -16.57 -5.50 -29.34
CA THR C 49 -17.56 -6.56 -29.55
C THR C 49 -16.96 -7.90 -29.11
N ILE C 50 -17.76 -8.96 -29.16
N ILE C 50 -17.73 -8.98 -29.21
CA ILE C 50 -17.36 -10.27 -28.63
CA ILE C 50 -17.35 -10.25 -28.60
C ILE C 50 -16.04 -10.69 -29.28
C ILE C 50 -16.15 -10.86 -29.33
N HIS C 51 -15.89 -10.41 -30.57
CA HIS C 51 -14.75 -10.89 -31.34
C HIS C 51 -13.74 -9.76 -31.55
N ASN C 52 -13.90 -8.67 -30.79
CA ASN C 52 -12.94 -7.58 -30.78
C ASN C 52 -13.07 -6.87 -29.43
N PRO C 53 -12.85 -7.59 -28.30
CA PRO C 53 -13.19 -7.08 -26.98
C PRO C 53 -12.31 -5.92 -26.50
N ASN C 54 -11.13 -5.80 -27.10
CA ASN C 54 -10.13 -4.84 -26.65
C ASN C 54 -9.94 -3.76 -27.70
N ALA C 55 -11.04 -3.39 -28.38
CA ALA C 55 -11.02 -2.36 -29.42
C ALA C 55 -10.16 -1.17 -28.97
N GLN C 56 -9.37 -0.61 -29.89
CA GLN C 56 -8.46 0.47 -29.55
C GLN C 56 -8.94 1.78 -30.20
N THR C 57 -8.56 2.91 -29.61
CA THR C 57 -8.91 4.22 -30.14
C THR C 57 -7.73 4.77 -30.96
N GLU C 58 -7.85 6.03 -31.39
CA GLU C 58 -6.83 6.70 -32.17
C GLU C 58 -6.64 8.13 -31.64
N PHE C 59 -5.39 8.61 -31.70
CA PHE C 59 -5.07 9.98 -31.33
C PHE C 59 -5.12 10.84 -32.59
N VAL C 60 -6.23 11.57 -32.79
CA VAL C 60 -6.50 12.23 -34.07
C VAL C 60 -6.09 13.69 -33.99
N GLU C 61 -5.41 14.17 -35.04
CA GLU C 61 -4.99 15.56 -35.14
C GLU C 61 -6.10 16.39 -35.78
N PHE C 62 -6.23 17.65 -35.36
CA PHE C 62 -7.27 18.53 -35.90
C PHE C 62 -6.79 19.98 -35.82
N PRO C 63 -7.26 20.85 -36.75
CA PRO C 63 -6.84 22.25 -36.79
C PRO C 63 -7.48 23.14 -35.73
N ILE C 64 -6.69 24.09 -35.22
CA ILE C 64 -7.18 25.18 -34.40
C ILE C 64 -7.17 26.45 -35.25
N TYR C 65 -8.31 27.12 -35.41
CA TYR C 65 -8.35 28.34 -36.20
C TYR C 65 -9.24 29.39 -35.53
N THR C 66 -9.00 30.66 -35.92
CA THR C 66 -9.79 31.79 -35.49
C THR C 66 -10.21 32.56 -36.74
N VAL C 67 -11.24 33.41 -36.60
CA VAL C 67 -11.74 34.18 -37.74
C VAL C 67 -11.72 35.66 -37.38
N LEU C 68 -11.07 36.47 -38.23
CA LEU C 68 -11.13 37.92 -38.14
C LEU C 68 -12.08 38.45 -39.21
N ILE C 69 -13.07 39.23 -38.77
CA ILE C 69 -13.91 39.98 -39.70
C ILE C 69 -13.50 41.45 -39.65
N ASP C 70 -12.73 41.88 -40.64
CA ASP C 70 -12.37 43.29 -40.79
C ASP C 70 -13.57 44.05 -41.37
N HIS C 71 -14.36 44.65 -40.48
CA HIS C 71 -15.63 45.28 -40.83
C HIS C 71 -15.47 46.79 -40.71
N PRO C 72 -16.08 47.62 -41.61
CA PRO C 72 -16.00 49.07 -41.50
C PRO C 72 -16.41 49.64 -40.15
N GLU C 73 -17.34 48.93 -39.47
CA GLU C 73 -17.87 49.40 -38.21
C GLU C 73 -16.90 49.07 -37.07
N GLY C 74 -15.93 48.18 -37.35
CA GLY C 74 -14.96 47.76 -36.36
C GLY C 74 -14.62 46.28 -36.50
N LYS C 75 -13.39 45.91 -36.13
CA LYS C 75 -12.88 44.56 -36.33
C LYS C 75 -13.49 43.61 -35.29
N ILE C 76 -13.94 42.44 -35.77
CA ILE C 76 -14.57 41.43 -34.94
C ILE C 76 -13.76 40.13 -35.04
N LEU C 77 -13.39 39.57 -33.88
CA LEU C 77 -12.64 38.34 -33.81
C LEU C 77 -13.51 37.25 -33.19
N PHE C 78 -13.59 36.10 -33.87
CA PHE C 78 -14.30 34.93 -33.37
C PHE C 78 -13.27 33.91 -32.85
N ASP C 79 -13.28 33.69 -31.53
CA ASP C 79 -12.36 32.77 -30.87
C ASP C 79 -10.95 33.34 -30.86
N THR C 80 -10.05 32.75 -30.03
CA THR C 80 -8.73 33.32 -29.80
C THR C 80 -7.65 32.23 -29.73
N SER C 81 -8.01 30.97 -30.00
CA SER C 81 -7.04 29.88 -30.04
C SER C 81 -6.48 29.60 -28.64
N CYS C 82 -5.23 29.12 -28.59
CA CYS C 82 -4.57 28.76 -27.34
C CYS C 82 -3.55 29.83 -26.95
N ASN C 83 -3.29 29.96 -25.64
CA ASN C 83 -2.30 30.89 -25.15
C ASN C 83 -0.91 30.41 -25.58
N PRO C 84 -0.01 31.33 -26.01
CA PRO C 84 1.35 30.95 -26.39
C PRO C 84 2.13 30.20 -25.31
N ASN C 85 1.78 30.43 -24.03
CA ASN C 85 2.48 29.79 -22.93
C ASN C 85 1.62 28.66 -22.35
N SER C 86 1.01 27.87 -23.25
CA SER C 86 0.14 26.78 -22.83
C SER C 86 0.95 25.53 -22.52
N MET C 87 1.84 25.16 -23.45
CA MET C 87 2.51 23.86 -23.42
C MET C 87 3.90 24.00 -22.81
N GLY C 88 4.48 22.87 -22.39
CA GLY C 88 5.83 22.84 -21.84
C GLY C 88 5.84 22.65 -20.32
N PRO C 89 6.98 22.23 -19.72
CA PRO C 89 7.06 22.05 -18.27
C PRO C 89 6.65 23.28 -17.47
N GLN C 90 6.86 24.43 -18.10
N GLN C 90 6.91 24.48 -17.99
CA GLN C 90 6.59 25.75 -17.53
CA GLN C 90 6.46 25.69 -17.31
C GLN C 90 5.23 26.27 -18.00
C GLN C 90 5.25 26.27 -18.04
N GLY C 91 4.44 25.38 -18.61
CA GLY C 91 3.22 25.78 -19.31
C GLY C 91 2.05 26.05 -18.35
N ARG C 92 1.05 26.79 -18.85
CA ARG C 92 -0.15 27.09 -18.09
C ARG C 92 -1.03 25.85 -17.99
N TRP C 93 -1.08 25.06 -19.05
CA TRP C 93 -1.86 23.83 -19.05
C TRP C 93 -1.22 22.81 -18.11
N ALA C 94 -2.05 22.10 -17.35
CA ALA C 94 -1.60 21.02 -16.48
C ALA C 94 -1.00 19.89 -17.33
N GLU C 95 -0.11 19.09 -16.72
CA GLU C 95 0.54 17.99 -17.43
C GLU C 95 -0.53 17.10 -18.07
N SER C 96 -1.48 16.63 -17.25
CA SER C 96 -2.48 15.68 -17.68
C SER C 96 -3.23 16.22 -18.90
N THR C 97 -3.45 17.54 -18.95
CA THR C 97 -4.16 18.17 -20.04
C THR C 97 -3.27 18.17 -21.29
N GLN C 98 -1.98 18.49 -21.09
CA GLN C 98 -1.02 18.55 -22.18
C GLN C 98 -0.90 17.18 -22.84
N GLN C 99 -1.08 16.12 -22.05
CA GLN C 99 -0.89 14.75 -22.53
C GLN C 99 -2.12 14.30 -23.32
N MET C 100 -3.30 14.78 -22.93
CA MET C 100 -4.55 14.35 -23.54
C MET C 100 -4.92 15.25 -24.71
N PHE C 101 -4.49 16.52 -24.65
CA PHE C 101 -4.90 17.52 -25.63
C PHE C 101 -3.70 18.34 -26.09
N PRO C 102 -2.59 17.70 -26.54
CA PRO C 102 -1.38 18.43 -26.91
C PRO C 102 -1.61 19.40 -28.07
N TRP C 103 -1.13 20.64 -27.89
CA TRP C 103 -1.17 21.67 -28.93
C TRP C 103 0.24 21.83 -29.52
N THR C 104 0.35 21.73 -30.84
CA THR C 104 1.60 21.98 -31.52
C THR C 104 1.40 23.16 -32.47
N ALA C 105 2.29 24.17 -32.35
CA ALA C 105 2.18 25.38 -33.15
C ALA C 105 3.55 26.04 -33.29
N THR C 106 3.91 26.36 -34.53
CA THR C 106 5.09 27.18 -34.79
C THR C 106 4.74 28.64 -34.48
N GLU C 107 5.77 29.46 -34.19
CA GLU C 107 5.55 30.82 -33.74
C GLU C 107 4.61 31.55 -34.70
N GLU C 108 4.70 31.19 -35.99
CA GLU C 108 3.88 31.79 -37.03
C GLU C 108 2.39 31.65 -36.69
N CYS C 109 2.06 30.61 -35.91
CA CYS C 109 0.68 30.19 -35.71
C CYS C 109 0.03 30.96 -34.55
N TYR C 110 0.85 31.48 -33.63
CA TYR C 110 0.34 32.26 -32.52
C TYR C 110 -0.55 33.39 -33.06
N LEU C 111 -1.66 33.65 -32.39
CA LEU C 111 -2.67 34.58 -32.88
C LEU C 111 -2.09 35.98 -33.02
N HIS C 112 -1.21 36.36 -32.09
CA HIS C 112 -0.66 37.71 -32.09
C HIS C 112 0.17 37.91 -33.36
N ASN C 113 0.82 36.83 -33.81
CA ASN C 113 1.67 36.88 -34.99
C ASN C 113 0.79 36.91 -36.24
N ARG C 114 -0.24 36.05 -36.26
CA ARG C 114 -1.17 36.01 -37.38
C ARG C 114 -1.76 37.40 -37.62
N LEU C 115 -2.16 38.06 -36.52
CA LEU C 115 -2.77 39.38 -36.59
C LEU C 115 -1.73 40.39 -37.10
N GLU C 116 -0.49 40.26 -36.62
CA GLU C 116 0.59 41.16 -36.99
C GLU C 116 0.80 41.12 -38.49
N GLN C 117 0.81 39.91 -39.06
CA GLN C 117 1.09 39.71 -40.47
C GLN C 117 -0.07 40.27 -41.31
N LEU C 118 -1.14 40.70 -40.63
CA LEU C 118 -2.27 41.35 -41.28
C LEU C 118 -2.27 42.84 -40.93
N LYS C 119 -1.26 43.27 -40.16
CA LYS C 119 -1.14 44.66 -39.75
C LYS C 119 -2.34 45.03 -38.88
N VAL C 120 -2.74 44.09 -38.01
CA VAL C 120 -3.81 44.30 -37.05
C VAL C 120 -3.23 44.15 -35.65
N ARG C 121 -3.38 45.19 -34.82
CA ARG C 121 -2.94 45.14 -33.43
C ARG C 121 -4.10 44.64 -32.57
N PRO C 122 -3.83 43.89 -31.47
CA PRO C 122 -4.89 43.51 -30.54
C PRO C 122 -5.80 44.69 -30.17
N GLU C 123 -5.22 45.89 -30.11
CA GLU C 123 -5.95 47.07 -29.65
C GLU C 123 -6.96 47.53 -30.69
N ASP C 124 -6.85 47.03 -31.92
CA ASP C 124 -7.72 47.44 -33.01
C ASP C 124 -9.02 46.64 -32.97
N ILE C 125 -9.04 45.55 -32.20
CA ILE C 125 -10.20 44.66 -32.16
C ILE C 125 -11.28 45.29 -31.28
N ARG C 126 -12.46 45.52 -31.87
CA ARG C 126 -13.59 46.13 -31.18
C ARG C 126 -14.35 45.08 -30.38
N TYR C 127 -14.59 43.91 -31.00
CA TYR C 127 -15.35 42.84 -30.37
C TYR C 127 -14.63 41.51 -30.52
N VAL C 128 -14.55 40.75 -29.42
CA VAL C 128 -14.16 39.35 -29.43
C VAL C 128 -15.40 38.53 -29.07
N VAL C 129 -15.78 37.59 -29.95
CA VAL C 129 -16.83 36.63 -29.65
C VAL C 129 -16.19 35.32 -29.20
N ALA C 130 -16.40 34.96 -27.92
CA ALA C 130 -15.93 33.69 -27.38
C ALA C 130 -17.00 32.64 -27.54
N SER C 131 -16.82 31.74 -28.51
CA SER C 131 -17.79 30.67 -28.75
C SER C 131 -18.06 29.94 -27.44
N HIS C 132 -16.98 29.67 -26.71
CA HIS C 132 -17.01 29.15 -25.35
C HIS C 132 -15.62 29.37 -24.75
N LEU C 133 -15.41 28.93 -23.50
CA LEU C 133 -14.21 29.32 -22.76
C LEU C 133 -13.26 28.14 -22.56
N HIS C 134 -13.31 27.15 -23.48
CA HIS C 134 -12.39 26.03 -23.47
C HIS C 134 -10.98 26.50 -23.85
N LEU C 135 -9.99 25.66 -23.54
CA LEU C 135 -8.57 26.02 -23.59
C LEU C 135 -8.17 26.48 -24.99
N ASN C 136 -8.76 25.88 -26.04
CA ASN C 136 -8.31 26.12 -27.39
C ASN C 136 -9.18 27.18 -28.07
N HIS C 137 -9.98 27.92 -27.29
CA HIS C 137 -10.84 28.96 -27.84
C HIS C 137 -10.65 30.30 -27.13
N ALA C 138 -10.31 30.26 -25.83
CA ALA C 138 -10.28 31.48 -25.01
C ALA C 138 -8.85 31.79 -24.55
N GLY C 139 -7.86 31.11 -25.13
CA GLY C 139 -6.48 31.16 -24.65
C GLY C 139 -5.85 32.55 -24.72
N CYS C 140 -6.34 33.41 -25.63
CA CYS C 140 -5.69 34.70 -25.88
C CYS C 140 -6.64 35.87 -25.64
N LEU C 141 -7.73 35.63 -24.90
CA LEU C 141 -8.68 36.69 -24.56
C LEU C 141 -7.94 37.88 -23.95
N GLU C 142 -6.90 37.60 -23.17
CA GLU C 142 -6.26 38.60 -22.32
C GLU C 142 -5.57 39.67 -23.17
N MET C 143 -5.37 39.38 -24.46
CA MET C 143 -4.69 40.29 -25.36
C MET C 143 -5.57 41.49 -25.71
N PHE C 144 -6.89 41.28 -25.68
CA PHE C 144 -7.82 42.23 -26.26
C PHE C 144 -8.41 43.13 -25.19
N THR C 145 -7.54 43.98 -24.64
CA THR C 145 -7.87 44.83 -23.51
C THR C 145 -8.68 46.03 -23.97
N ASN C 146 -8.87 46.18 -25.29
CA ASN C 146 -9.56 47.34 -25.84
C ASN C 146 -10.92 46.92 -26.40
N ALA C 147 -11.20 45.61 -26.38
CA ALA C 147 -12.40 45.07 -27.00
C ALA C 147 -13.50 44.85 -25.94
N THR C 148 -14.74 44.69 -26.43
CA THR C 148 -15.81 44.10 -25.63
C THR C 148 -15.78 42.59 -25.88
N ILE C 149 -15.66 41.81 -24.80
CA ILE C 149 -15.60 40.36 -24.89
C ILE C 149 -17.02 39.80 -24.72
N ILE C 150 -17.57 39.26 -25.81
CA ILE C 150 -18.91 38.70 -25.80
C ILE C 150 -18.81 37.20 -25.52
N VAL C 151 -19.49 36.76 -24.45
CA VAL C 151 -19.46 35.38 -24.00
C VAL C 151 -20.84 35.03 -23.44
N HIS C 152 -21.22 33.74 -23.51
CA HIS C 152 -22.49 33.30 -22.93
C HIS C 152 -22.36 33.36 -21.41
N GLU C 153 -23.40 33.85 -20.73
CA GLU C 153 -23.32 34.10 -19.30
C GLU C 153 -23.14 32.79 -18.54
N ASP C 154 -23.72 31.69 -19.04
CA ASP C 154 -23.63 30.41 -18.36
C ASP C 154 -22.22 29.85 -18.48
N GLU C 155 -21.57 30.13 -19.62
CA GLU C 155 -20.20 29.69 -19.87
C GLU C 155 -19.25 30.48 -18.96
N PHE C 156 -19.51 31.79 -18.86
CA PHE C 156 -18.71 32.70 -18.07
C PHE C 156 -18.83 32.30 -16.59
N ASN C 157 -20.06 31.99 -16.16
CA ASN C 157 -20.33 31.59 -14.79
C ASN C 157 -19.58 30.30 -14.46
N GLY C 158 -19.70 29.30 -15.34
CA GLY C 158 -19.08 28.01 -15.14
C GLY C 158 -17.55 28.09 -15.08
N ALA C 159 -16.97 28.92 -15.94
CA ALA C 159 -15.53 29.11 -15.96
C ALA C 159 -15.07 29.77 -14.66
N LEU C 160 -15.82 30.78 -14.22
CA LEU C 160 -15.48 31.52 -13.02
C LEU C 160 -15.54 30.60 -11.79
N GLN C 161 -16.46 29.63 -11.82
CA GLN C 161 -16.57 28.66 -10.73
C GLN C 161 -15.32 27.77 -10.71
N CYS C 162 -14.86 27.34 -11.90
CA CYS C 162 -13.65 26.54 -12.01
C CYS C 162 -12.49 27.29 -11.35
N TYR C 163 -12.45 28.61 -11.60
CA TYR C 163 -11.40 29.47 -11.06
C TYR C 163 -11.50 29.53 -9.55
N ALA C 164 -12.70 29.91 -9.07
CA ALA C 164 -12.94 30.10 -7.65
C ALA C 164 -12.73 28.79 -6.88
N ARG C 165 -12.97 27.65 -7.55
CA ARG C 165 -12.84 26.34 -6.93
C ARG C 165 -11.41 25.82 -7.07
N ASN C 166 -10.52 26.65 -7.65
CA ASN C 166 -9.12 26.29 -7.82
C ASN C 166 -9.01 24.92 -8.50
N GLN C 167 -9.78 24.72 -9.57
CA GLN C 167 -9.68 23.53 -10.40
C GLN C 167 -8.55 23.72 -11.40
N LYS C 168 -7.53 22.86 -11.32
CA LYS C 168 -6.28 23.03 -12.06
C LYS C 168 -6.24 22.12 -13.28
N GLU C 169 -7.09 21.09 -13.29
CA GLU C 169 -7.13 20.15 -14.40
C GLU C 169 -8.48 20.28 -15.11
N GLY C 170 -8.54 19.83 -16.36
CA GLY C 170 -9.74 19.99 -17.18
C GLY C 170 -9.51 21.00 -18.29
N ALA C 171 -10.61 21.40 -18.96
CA ALA C 171 -10.54 22.13 -20.22
C ALA C 171 -10.64 23.63 -20.01
N TYR C 172 -10.80 24.05 -18.75
CA TYR C 172 -10.84 25.46 -18.39
C TYR C 172 -9.55 25.81 -17.65
N ILE C 173 -8.74 26.70 -18.26
CA ILE C 173 -7.38 26.92 -17.82
C ILE C 173 -7.34 28.01 -16.75
N TRP C 174 -7.00 27.60 -15.53
CA TRP C 174 -7.02 28.48 -14.38
C TRP C 174 -6.16 29.72 -14.63
N ALA C 175 -4.97 29.52 -15.21
CA ALA C 175 -4.01 30.60 -15.40
C ALA C 175 -4.52 31.59 -16.45
N ASP C 176 -5.27 31.09 -17.44
CA ASP C 176 -5.87 31.95 -18.45
C ASP C 176 -6.92 32.86 -17.80
N ILE C 177 -7.83 32.25 -17.04
CA ILE C 177 -8.91 32.99 -16.39
C ILE C 177 -8.28 34.04 -15.47
N ASP C 178 -7.24 33.64 -14.73
CA ASP C 178 -6.51 34.54 -13.86
C ASP C 178 -6.12 35.80 -14.65
N ALA C 179 -5.62 35.59 -15.87
CA ALA C 179 -5.10 36.67 -16.70
C ALA C 179 -6.23 37.56 -17.19
N TRP C 180 -7.37 36.96 -17.53
CA TRP C 180 -8.52 37.73 -17.99
C TRP C 180 -8.90 38.76 -16.93
N ILE C 181 -8.91 38.32 -15.67
CA ILE C 181 -9.35 39.15 -14.56
C ILE C 181 -8.30 40.23 -14.31
N LYS C 182 -7.02 39.83 -14.31
CA LYS C 182 -5.92 40.76 -14.02
C LYS C 182 -5.85 41.84 -15.10
N ASN C 183 -6.21 41.50 -16.34
CA ASN C 183 -6.08 42.43 -17.46
C ASN C 183 -7.35 43.29 -17.59
N ASN C 184 -8.33 43.07 -16.70
CA ASN C 184 -9.49 43.94 -16.60
C ASN C 184 -10.21 43.99 -17.95
N LEU C 185 -10.47 42.81 -18.53
CA LEU C 185 -11.22 42.70 -19.77
C LEU C 185 -12.63 43.27 -19.60
N GLN C 186 -13.21 43.76 -20.70
N GLN C 186 -13.20 43.79 -20.70
CA GLN C 186 -14.54 44.35 -20.69
CA GLN C 186 -14.54 44.34 -20.71
C GLN C 186 -15.55 43.33 -21.23
C GLN C 186 -15.52 43.28 -21.22
N TRP C 187 -16.42 42.83 -20.34
CA TRP C 187 -17.31 41.72 -20.66
C TRP C 187 -18.73 42.19 -21.00
N ARG C 188 -19.29 41.51 -22.01
N ARG C 188 -19.35 41.47 -21.95
N ARG C 188 -19.34 41.52 -21.99
CA ARG C 188 -20.70 41.61 -22.37
CA ARG C 188 -20.75 41.67 -22.30
CA ARG C 188 -20.77 41.68 -22.27
C ARG C 188 -21.27 40.19 -22.42
C ARG C 188 -21.42 40.30 -22.46
C ARG C 188 -21.39 40.29 -22.44
N THR C 189 -21.95 39.77 -21.35
CA THR C 189 -22.50 38.42 -21.32
C THR C 189 -23.79 38.36 -22.12
N VAL C 190 -23.94 37.27 -22.89
CA VAL C 190 -25.18 36.95 -23.57
C VAL C 190 -26.06 36.17 -22.60
N LYS C 191 -27.24 36.72 -22.29
CA LYS C 191 -28.11 36.13 -21.28
C LYS C 191 -28.72 34.84 -21.82
N ARG C 192 -29.13 33.95 -20.91
CA ARG C 192 -29.56 32.61 -21.27
C ARG C 192 -30.69 32.66 -22.31
N HIS C 193 -31.64 33.59 -22.13
CA HIS C 193 -32.80 33.65 -23.00
C HIS C 193 -32.70 34.84 -23.96
N GLU C 194 -31.48 35.30 -24.21
CA GLU C 194 -31.27 36.48 -25.03
C GLU C 194 -31.35 36.11 -26.51
N ASP C 195 -32.01 36.97 -27.29
CA ASP C 195 -32.10 36.84 -28.73
C ASP C 195 -30.72 37.07 -29.35
N ASN C 196 -30.61 36.76 -30.65
CA ASN C 196 -29.39 36.98 -31.41
C ASN C 196 -29.00 38.46 -31.30
N ILE C 197 -27.70 38.74 -31.44
CA ILE C 197 -27.19 40.10 -31.35
C ILE C 197 -26.63 40.53 -32.71
N LEU C 198 -27.15 41.66 -33.23
CA LEU C 198 -26.59 42.28 -34.41
C LEU C 198 -25.38 43.13 -34.02
N LEU C 199 -24.18 42.55 -34.13
CA LEU C 199 -22.94 43.24 -33.80
C LEU C 199 -22.66 44.34 -34.82
N ALA C 200 -23.01 44.07 -36.08
CA ALA C 200 -22.71 44.96 -37.19
C ALA C 200 -23.50 44.52 -38.41
N GLU C 201 -23.54 45.37 -39.44
CA GLU C 201 -24.24 45.04 -40.67
C GLU C 201 -23.81 43.64 -41.12
N GLY C 202 -24.77 42.71 -41.15
CA GLY C 202 -24.55 41.36 -41.66
C GLY C 202 -23.74 40.47 -40.72
N VAL C 203 -23.65 40.84 -39.43
CA VAL C 203 -22.93 40.06 -38.45
C VAL C 203 -23.80 39.88 -37.21
N LYS C 204 -24.25 38.64 -36.95
CA LYS C 204 -25.14 38.34 -35.85
C LYS C 204 -24.49 37.29 -34.93
N VAL C 205 -24.51 37.55 -33.62
CA VAL C 205 -24.08 36.56 -32.63
C VAL C 205 -25.26 35.63 -32.37
N LEU C 206 -25.06 34.32 -32.60
CA LEU C 206 -26.09 33.33 -32.38
C LEU C 206 -25.95 32.75 -30.97
N ASN C 207 -27.06 32.76 -30.23
CA ASN C 207 -27.08 32.22 -28.87
C ASN C 207 -27.54 30.77 -28.92
N PHE C 208 -26.57 29.84 -28.88
CA PHE C 208 -26.86 28.42 -29.03
C PHE C 208 -27.21 27.80 -27.67
N GLY C 209 -26.85 28.48 -26.59
CA GLY C 209 -27.11 27.98 -25.24
C GLY C 209 -26.26 26.74 -24.92
N SER C 210 -26.81 25.87 -24.06
CA SER C 210 -26.06 24.76 -23.50
C SER C 210 -26.06 23.56 -24.44
N GLY C 211 -24.92 22.85 -24.47
CA GLY C 211 -24.75 21.67 -25.29
C GLY C 211 -23.37 21.04 -25.07
N HIS C 212 -22.47 21.25 -26.04
CA HIS C 212 -21.07 20.86 -25.90
C HIS C 212 -20.55 21.39 -24.57
N ALA C 213 -20.84 22.67 -24.28
CA ALA C 213 -20.42 23.33 -23.06
C ALA C 213 -21.61 24.04 -22.42
N TRP C 214 -21.34 24.84 -21.37
CA TRP C 214 -22.40 25.47 -20.60
C TRP C 214 -23.17 26.49 -21.44
N GLY C 215 -22.45 27.24 -22.27
CA GLY C 215 -23.05 28.29 -23.09
C GLY C 215 -22.28 28.51 -24.38
N MET C 216 -22.89 28.15 -25.51
CA MET C 216 -22.23 28.20 -26.81
C MET C 216 -22.74 29.42 -27.59
N LEU C 217 -21.80 30.13 -28.23
CA LEU C 217 -22.13 31.22 -29.13
C LEU C 217 -21.65 30.87 -30.54
N GLY C 218 -22.48 31.17 -31.54
CA GLY C 218 -22.07 31.10 -32.93
C GLY C 218 -22.13 32.47 -33.60
N LEU C 219 -21.80 32.51 -34.90
CA LEU C 219 -21.86 33.74 -35.68
C LEU C 219 -22.47 33.42 -37.04
N HIS C 220 -23.43 34.25 -37.47
CA HIS C 220 -23.85 34.28 -38.86
C HIS C 220 -23.27 35.52 -39.51
N VAL C 221 -22.48 35.32 -40.57
CA VAL C 221 -21.91 36.42 -41.33
C VAL C 221 -22.50 36.40 -42.73
N GLU C 222 -23.07 37.55 -43.16
CA GLU C 222 -23.56 37.72 -44.51
C GLU C 222 -22.58 38.61 -45.29
N LEU C 223 -21.77 37.98 -46.16
CA LEU C 223 -20.79 38.69 -46.95
C LEU C 223 -21.35 38.98 -48.33
N PRO C 224 -21.15 40.20 -48.88
CA PRO C 224 -21.69 40.57 -50.19
C PRO C 224 -21.43 39.55 -51.29
N GLU C 225 -20.20 39.02 -51.35
CA GLU C 225 -19.81 38.11 -52.42
C GLU C 225 -19.98 36.65 -52.00
N THR C 226 -19.41 36.26 -50.85
CA THR C 226 -19.35 34.85 -50.45
C THR C 226 -20.75 34.39 -50.01
N GLY C 227 -21.59 35.33 -49.56
CA GLY C 227 -22.91 34.99 -49.05
C GLY C 227 -22.87 34.67 -47.57
N GLY C 228 -23.68 33.69 -47.14
CA GLY C 228 -23.89 33.40 -45.73
C GLY C 228 -22.89 32.37 -45.19
N ILE C 229 -22.33 32.66 -44.01
CA ILE C 229 -21.45 31.75 -43.29
C ILE C 229 -21.94 31.62 -41.85
N ILE C 230 -21.99 30.38 -41.35
CA ILE C 230 -22.24 30.12 -39.94
C ILE C 230 -20.97 29.54 -39.32
N LEU C 231 -20.40 30.28 -38.35
CA LEU C 231 -19.31 29.77 -37.52
C LEU C 231 -19.92 29.00 -36.35
N ALA C 232 -19.79 27.67 -36.38
CA ALA C 232 -20.44 26.79 -35.42
C ALA C 232 -19.55 26.55 -34.19
N SER C 233 -18.24 26.68 -34.38
CA SER C 233 -17.26 26.26 -33.38
C SER C 233 -17.56 24.83 -32.95
N ASP C 234 -17.45 24.57 -31.64
CA ASP C 234 -17.53 23.21 -31.10
C ASP C 234 -18.98 22.77 -30.94
N ALA C 235 -19.94 23.57 -31.44
CA ALA C 235 -21.31 23.11 -31.56
C ALA C 235 -21.35 21.96 -32.56
N ILE C 236 -20.46 22.02 -33.56
CA ILE C 236 -20.27 20.94 -34.51
C ILE C 236 -18.78 20.81 -34.81
N TYR C 237 -18.14 19.76 -34.24
CA TYR C 237 -16.71 19.53 -34.39
C TYR C 237 -16.34 19.33 -35.86
N THR C 238 -16.94 18.33 -36.51
CA THR C 238 -16.56 17.94 -37.87
C THR C 238 -17.82 17.63 -38.69
N ALA C 239 -17.61 17.41 -39.99
CA ALA C 239 -18.66 16.97 -40.89
C ALA C 239 -19.22 15.63 -40.42
N GLU C 240 -18.39 14.85 -39.71
CA GLU C 240 -18.78 13.56 -39.19
C GLU C 240 -19.80 13.76 -38.07
N SER C 241 -19.57 14.78 -37.24
CA SER C 241 -20.49 15.18 -36.20
C SER C 241 -21.85 15.53 -36.83
N TYR C 242 -21.79 16.26 -37.95
CA TYR C 242 -22.95 16.91 -38.54
C TYR C 242 -23.85 15.90 -39.23
N GLY C 243 -23.25 14.87 -39.83
CA GLY C 243 -24.00 13.87 -40.56
C GLY C 243 -24.88 14.53 -41.63
N PRO C 244 -26.17 14.15 -41.75
CA PRO C 244 -26.78 13.11 -40.91
C PRO C 244 -26.18 11.73 -41.15
N PRO C 245 -26.22 10.80 -40.15
CA PRO C 245 -26.81 11.11 -38.85
C PRO C 245 -25.86 11.93 -37.98
N ILE C 246 -26.42 12.62 -36.99
CA ILE C 246 -25.61 13.35 -36.02
C ILE C 246 -24.84 12.35 -35.17
N LYS C 247 -23.54 12.61 -35.00
CA LYS C 247 -22.68 11.83 -34.14
C LYS C 247 -22.15 12.73 -33.03
N PRO C 248 -22.76 12.71 -31.82
CA PRO C 248 -22.38 13.63 -30.76
C PRO C 248 -20.98 13.36 -30.21
N PRO C 249 -20.32 14.37 -29.60
CA PRO C 249 -19.00 14.18 -28.99
C PRO C 249 -19.00 13.50 -27.62
N GLY C 250 -17.81 13.08 -27.19
CA GLY C 250 -17.57 12.62 -25.83
C GLY C 250 -17.46 13.78 -24.85
N ILE C 251 -16.85 14.88 -25.30
CA ILE C 251 -16.83 16.12 -24.52
C ILE C 251 -18.18 16.81 -24.69
N ILE C 252 -19.06 16.66 -23.69
CA ILE C 252 -20.44 17.12 -23.79
C ILE C 252 -20.98 17.44 -22.38
N TYR C 253 -21.82 18.48 -22.30
CA TYR C 253 -22.42 18.91 -21.04
C TYR C 253 -23.92 18.59 -21.06
N ASP C 254 -24.60 19.01 -22.12
CA ASP C 254 -26.04 18.91 -22.25
C ASP C 254 -26.37 18.21 -23.57
N SER C 255 -26.57 16.89 -23.52
CA SER C 255 -26.74 16.08 -24.72
C SER C 255 -27.95 16.55 -25.53
N LEU C 256 -29.07 16.81 -24.84
CA LEU C 256 -30.31 17.22 -25.50
C LEU C 256 -30.10 18.56 -26.19
N GLY C 257 -29.51 19.52 -25.47
CA GLY C 257 -29.22 20.85 -26.00
C GLY C 257 -28.27 20.79 -27.19
N TYR C 258 -27.27 19.87 -27.11
CA TYR C 258 -26.30 19.70 -28.17
C TYR C 258 -27.01 19.29 -29.45
N MET C 259 -27.93 18.31 -29.34
CA MET C 259 -28.65 17.80 -30.50
C MET C 259 -29.55 18.91 -31.08
N ASN C 260 -30.27 19.61 -30.19
CA ASN C 260 -31.12 20.72 -30.57
C ASN C 260 -30.32 21.73 -31.39
N THR C 261 -29.13 22.09 -30.91
CA THR C 261 -28.33 23.15 -31.53
C THR C 261 -27.90 22.72 -32.94
N VAL C 262 -27.48 21.45 -33.10
CA VAL C 262 -27.01 20.98 -34.40
C VAL C 262 -28.16 21.09 -35.40
N GLU C 263 -29.36 20.66 -35.00
CA GLU C 263 -30.51 20.66 -35.89
C GLU C 263 -30.94 22.10 -36.18
N ARG C 264 -30.75 22.99 -35.20
CA ARG C 264 -31.06 24.40 -35.38
C ARG C 264 -30.14 25.01 -36.43
N ILE C 265 -28.84 24.71 -36.31
CA ILE C 265 -27.84 25.19 -37.27
C ILE C 265 -28.21 24.70 -38.66
N ARG C 266 -28.62 23.43 -38.76
CA ARG C 266 -28.96 22.84 -40.06
C ARG C 266 -30.09 23.65 -40.69
N ARG C 267 -31.11 24.00 -39.88
CA ARG C 267 -32.27 24.72 -40.38
C ARG C 267 -31.85 26.12 -40.84
N ILE C 268 -31.05 26.81 -40.01
CA ILE C 268 -30.61 28.15 -40.34
C ILE C 268 -29.81 28.11 -41.65
N ALA C 269 -28.94 27.12 -41.78
CA ALA C 269 -28.12 26.96 -42.96
C ALA C 269 -29.00 26.80 -44.19
N GLN C 270 -30.06 25.98 -44.06
CA GLN C 270 -30.98 25.71 -45.15
C GLN C 270 -31.70 26.99 -45.55
N GLU C 271 -32.25 27.70 -44.55
CA GLU C 271 -33.17 28.81 -44.81
C GLU C 271 -32.41 30.06 -45.25
N THR C 272 -31.13 30.17 -44.90
CA THR C 272 -30.35 31.36 -45.23
C THR C 272 -29.32 31.04 -46.31
N LYS C 273 -29.29 29.78 -46.75
N LYS C 273 -29.31 29.78 -46.76
CA LYS C 273 -28.36 29.34 -47.78
CA LYS C 273 -28.36 29.32 -47.77
C LYS C 273 -26.92 29.63 -47.33
C LYS C 273 -26.93 29.65 -47.32
N SER C 274 -26.62 29.31 -46.07
CA SER C 274 -25.31 29.57 -45.49
C SER C 274 -24.46 28.30 -45.50
N GLN C 275 -23.14 28.47 -45.68
CA GLN C 275 -22.16 27.44 -45.40
C GLN C 275 -22.04 27.27 -43.88
N VAL C 276 -21.76 26.04 -43.44
CA VAL C 276 -21.52 25.78 -42.03
C VAL C 276 -20.03 25.47 -41.86
N TRP C 277 -19.33 26.33 -41.11
CA TRP C 277 -17.92 26.14 -40.82
C TRP C 277 -17.77 25.48 -39.45
N PHE C 278 -17.35 24.21 -39.47
CA PHE C 278 -17.26 23.40 -38.26
C PHE C 278 -16.08 23.84 -37.41
N GLY C 279 -16.06 23.38 -36.16
CA GLY C 279 -15.03 23.76 -35.19
C GLY C 279 -13.63 23.36 -35.63
N HIS C 280 -13.47 22.11 -36.10
N HIS C 280 -13.43 22.09 -36.01
CA HIS C 280 -12.16 21.57 -36.42
CA HIS C 280 -12.14 21.64 -36.49
C HIS C 280 -12.24 20.47 -37.48
C HIS C 280 -12.31 20.47 -37.45
N ASP C 281 -12.83 20.77 -38.64
CA ASP C 281 -12.90 19.80 -39.73
C ASP C 281 -11.65 19.96 -40.59
N ALA C 282 -10.80 18.92 -40.62
CA ALA C 282 -9.49 18.99 -41.25
C ALA C 282 -9.63 19.21 -42.75
N GLU C 283 -10.61 18.54 -43.37
CA GLU C 283 -10.79 18.61 -44.81
C GLU C 283 -11.29 20.01 -45.19
N GLN C 284 -12.26 20.52 -44.44
CA GLN C 284 -12.81 21.85 -44.68
C GLN C 284 -11.72 22.89 -44.48
N PHE C 285 -10.91 22.70 -43.42
CA PHE C 285 -9.85 23.65 -43.10
C PHE C 285 -8.85 23.73 -44.24
N LYS C 286 -8.54 22.57 -44.84
CA LYS C 286 -7.65 22.50 -45.98
C LYS C 286 -8.17 23.38 -47.11
N LYS C 287 -9.50 23.33 -47.34
CA LYS C 287 -10.11 24.00 -48.48
C LYS C 287 -10.17 25.52 -48.24
N PHE C 288 -10.11 25.93 -46.97
CA PHE C 288 -10.21 27.34 -46.63
C PHE C 288 -9.06 28.14 -47.25
N ARG C 289 -9.37 29.36 -47.67
CA ARG C 289 -8.36 30.37 -47.98
C ARG C 289 -7.91 30.99 -46.65
N LYS C 290 -6.66 30.74 -46.26
CA LYS C 290 -6.14 31.20 -44.98
C LYS C 290 -5.58 32.62 -45.15
N SER C 291 -5.15 33.20 -44.03
CA SER C 291 -4.77 34.60 -43.95
C SER C 291 -3.45 34.86 -44.70
N THR C 292 -2.73 33.79 -45.06
CA THR C 292 -1.48 33.94 -45.78
C THR C 292 -1.75 33.99 -47.29
N GLU C 293 -3.01 33.78 -47.67
CA GLU C 293 -3.40 33.69 -49.08
C GLU C 293 -4.46 34.73 -49.42
N GLY C 294 -5.31 35.10 -48.46
CA GLY C 294 -6.36 36.07 -48.72
C GLY C 294 -7.50 36.02 -47.69
N TYR C 295 -8.73 36.21 -48.19
CA TYR C 295 -9.89 36.51 -47.37
C TYR C 295 -11.17 36.23 -48.14
N TYR C 296 -12.31 36.37 -47.46
CA TYR C 296 -13.62 36.24 -48.08
C TYR C 296 -14.32 37.60 -48.05
N GLU C 297 -14.86 38.02 -49.20
N GLU C 297 -14.82 38.03 -49.22
CA GLU C 297 -15.64 39.24 -49.29
CA GLU C 297 -15.56 39.28 -49.36
C GLU C 297 -17.11 38.89 -49.57
C GLU C 297 -17.06 38.99 -49.40
CO CO D . 12.53 4.04 32.54
S SO4 E . 20.31 -8.66 16.79
O1 SO4 E . 19.96 -10.02 16.45
O2 SO4 E . 21.18 -8.12 15.78
O3 SO4 E . 19.11 -7.87 16.86
O4 SO4 E . 20.98 -8.66 18.06
S SO4 F . -0.93 -10.43 20.83
O1 SO4 F . -0.33 -11.73 20.97
O2 SO4 F . -0.46 -9.83 19.61
O3 SO4 F . -2.36 -10.54 20.79
O4 SO4 F . -0.54 -9.60 21.95
S SO4 G . 25.82 8.54 18.51
O1 SO4 G . 25.70 7.37 17.69
O2 SO4 G . 26.99 9.30 18.11
O3 SO4 G . 24.65 9.37 18.35
O4 SO4 G . 25.95 8.16 19.89
C1 GOL H . 11.74 -0.86 36.89
O1 GOL H . 13.14 -0.68 36.77
C2 GOL H . 11.36 -2.33 36.89
O2 GOL H . 10.39 -2.58 35.88
C3 GOL H . 10.83 -2.81 38.23
O3 GOL H . 11.60 -3.88 38.76
CO CO I . 0.20 -35.21 10.45
S SO4 J . 14.01 -18.35 11.06
O1 SO4 J . 13.99 -19.43 10.11
O2 SO4 J . 13.77 -17.11 10.39
O3 SO4 J . 15.30 -18.30 11.70
O4 SO4 J . 12.99 -18.57 12.05
S SO4 K . 23.00 -38.22 9.82
O1 SO4 K . 23.79 -39.41 9.61
O2 SO4 K . 23.20 -37.31 8.74
O3 SO4 K . 23.41 -37.60 11.06
O4 SO4 K . 21.62 -38.59 9.91
S SO4 L . 24.22 -26.29 12.34
O1 SO4 L . 23.76 -26.05 10.99
O2 SO4 L . 24.89 -27.56 12.40
O3 SO4 L . 23.08 -26.30 13.22
O4 SO4 L . 25.13 -25.24 12.73
S SO4 M . 9.15 -15.47 15.95
O1 SO4 M . 9.61 -16.54 15.13
O2 SO4 M . 9.20 -14.23 15.21
O3 SO4 M . 7.79 -15.73 16.35
O4 SO4 M . 9.98 -15.35 17.12
S SO4 N . 7.07 -66.14 -3.22
O1 SO4 N . 7.36 -66.47 -4.58
O2 SO4 N . 6.98 -67.36 -2.44
O3 SO4 N . 5.82 -65.43 -3.14
O4 SO4 N . 8.12 -65.33 -2.68
S SO4 O . -25.13 -29.85 15.46
O1 SO4 O . -25.77 -31.13 15.29
O2 SO4 O . -24.48 -29.48 14.22
O3 SO4 O . -26.12 -28.86 15.79
O4 SO4 O . -24.17 -29.93 16.51
S SO4 P . -0.99 -17.57 1.40
O1 SO4 P . -1.00 -18.43 0.25
O2 SO4 P . 0.37 -17.25 1.73
O3 SO4 P . -1.61 -18.25 2.50
O4 SO4 P . -1.70 -16.37 1.10
C1 GOL Q . 18.61 -30.42 27.19
O1 GOL Q . 19.48 -31.55 27.33
C2 GOL Q . 17.58 -30.65 26.11
O2 GOL Q . 16.39 -31.18 26.69
C3 GOL Q . 17.25 -29.39 25.33
O3 GOL Q . 16.22 -29.63 24.36
C1 GOL R . 2.48 -38.49 18.70
O1 GOL R . 2.30 -37.73 19.89
C2 GOL R . 2.59 -37.60 17.48
O2 GOL R . 3.94 -37.18 17.32
C3 GOL R . 1.67 -36.40 17.53
O3 GOL R . 0.84 -36.31 16.38
C1 GOL S . -11.78 -33.59 -5.92
O1 GOL S . -12.52 -32.43 -6.32
C2 GOL S . -12.68 -34.78 -5.71
O2 GOL S . -12.00 -35.97 -6.11
C3 GOL S . -13.17 -34.93 -4.28
O3 GOL S . -13.60 -36.26 -4.00
C ACT T . 10.69 -31.66 22.51
O ACT T . 11.79 -31.26 22.09
OXT ACT T . 10.37 -32.87 22.57
CH3 ACT T . 9.67 -30.62 22.97
CO CO U . -14.77 22.91 -26.77
S SO4 V . -21.04 21.11 -5.80
O1 SO4 V . -19.71 20.66 -6.15
O2 SO4 V . -21.94 20.81 -6.87
O3 SO4 V . -21.47 20.44 -4.60
O4 SO4 V . -21.01 22.53 -5.57
S SO4 W . -33.38 31.07 -34.96
O1 SO4 W . -33.29 29.71 -34.46
O2 SO4 W . -33.48 31.05 -36.39
O3 SO4 W . -34.55 31.69 -34.41
O4 SO4 W . -32.21 31.79 -34.57
C ACT X . -30.48 34.02 -37.92
O ACT X . -29.40 33.99 -38.57
OXT ACT X . -30.90 33.07 -37.23
CH3 ACT X . -31.32 35.30 -37.98
#